data_5JAZ
#
_entry.id   5JAZ
#
_cell.length_a   51.768
_cell.length_b   56.543
_cell.length_c   87.000
_cell.angle_alpha   103.66
_cell.angle_beta   103.34
_cell.angle_gamma   100.18
#
_symmetry.space_group_name_H-M   'P 1'
#
loop_
_entity.id
_entity.type
_entity.pdbx_description
1 polymer '1-deoxy-D-xylulose 5-phosphate reductoisomerase, apicoplastic'
2 non-polymer '[(2R)-2-{2-[hydroxy(methyl)amino]-2-oxoethyl}-5-(naphthalen-1-yl)pentyl]phosphonic acid'
3 non-polymer 'MANGANESE (II) ION'
4 non-polymer GLYCEROL
5 non-polymer 'FORMIC ACID'
6 water water
#
_entity_poly.entity_id   1
_entity_poly.type   'polypeptide(L)'
_entity_poly.pdbx_seq_one_letter_code
;MAHHHHHHKKPINVAIFGSTGSIGTNALNIIRECNKIENVFNVKALYVNKSVNELYEQAREFLPEYLCIHDKSVYEELKE
LVKNIKDYKPIILCGDEGMKEICSSNSIDKIVIGIDSFQGLYSTMYAIMNNKIVALANKESIVSAGFFLKKLLNIHKNAK
IIPVDSEHSAIFQCLDNNKVLKTKCLQDNFSKINNINKIFLCSSGGPFQNLTMDELKNVTSENALKHPKWKMGKKITIDS
ATMMNKGLEVIETHFLFDVDYNDIEVIVHKECIIHSCVEFIDKSVISQMYYPDMQIPILYSLTWPDRIKTNLKPLDLAQV
STLTFHKPSLEHFPCIKLAYQAGIKGNFYPTVLNASNEIANNLFLNNKIKYFDISSIISQVLESFNSQKVSENSEDLMKQ
ILQIHSWAKDKATDIYNKHNSS
;
_entity_poly.pdbx_strand_id   A,B
#
loop_
_chem_comp.id
_chem_comp.type
_chem_comp.name
_chem_comp.formula
FMT non-polymer 'FORMIC ACID' 'C H2 O2'
GOL non-polymer GLYCEROL 'C3 H8 O3'
LC5 non-polymer '[(2R)-2-{2-[hydroxy(methyl)amino]-2-oxoethyl}-5-(naphthalen-1-yl)pentyl]phosphonic acid' 'C18 H24 N O5 P'
MN non-polymer 'MANGANESE (II) ION' 'Mn 2'
#
# COMPACT_ATOMS: atom_id res chain seq x y z
N PRO A 11 -14.11 -16.71 15.91
CA PRO A 11 -13.88 -16.24 17.29
C PRO A 11 -12.40 -16.25 17.70
N ILE A 12 -11.81 -15.07 17.84
CA ILE A 12 -10.37 -14.91 18.07
C ILE A 12 -10.08 -14.86 19.57
N ASN A 13 -9.36 -15.87 20.06
CA ASN A 13 -9.09 -16.01 21.49
C ASN A 13 -7.75 -15.34 21.85
N VAL A 14 -7.83 -14.25 22.62
N VAL A 14 -7.83 -14.25 22.61
CA VAL A 14 -6.66 -13.40 22.86
CA VAL A 14 -6.68 -13.39 22.89
C VAL A 14 -6.32 -13.22 24.35
C VAL A 14 -6.32 -13.35 24.37
N ALA A 15 -5.02 -13.33 24.65
CA ALA A 15 -4.48 -13.01 25.97
C ALA A 15 -3.78 -11.67 25.90
N ILE A 16 -3.85 -10.90 26.97
CA ILE A 16 -3.18 -9.60 27.04
C ILE A 16 -2.23 -9.59 28.22
N PHE A 17 -0.92 -9.52 27.93
CA PHE A 17 0.12 -9.45 28.96
C PHE A 17 0.53 -7.98 29.17
N GLY A 18 0.41 -7.50 30.41
CA GLY A 18 0.59 -6.09 30.71
C GLY A 18 -0.68 -5.34 30.35
N SER A 19 -1.82 -5.84 30.81
CA SER A 19 -3.12 -5.36 30.33
C SER A 19 -3.48 -3.94 30.80
N THR A 20 -2.81 -3.40 31.83
CA THR A 20 -3.08 -2.03 32.30
C THR A 20 -2.11 -0.97 31.77
N GLY A 21 -1.07 -1.38 31.03
CA GLY A 21 -0.19 -0.43 30.34
C GLY A 21 -0.84 0.17 29.09
N SER A 22 -0.08 0.99 28.37
N SER A 22 -0.09 0.99 28.37
CA SER A 22 -0.60 1.72 27.21
CA SER A 22 -0.63 1.72 27.21
C SER A 22 -1.07 0.80 26.09
C SER A 22 -1.08 0.80 26.07
N ILE A 23 -0.26 -0.20 25.75
CA ILE A 23 -0.62 -1.19 24.71
C ILE A 23 -1.83 -2.02 25.15
N GLY A 24 -1.83 -2.49 26.39
CA GLY A 24 -2.92 -3.31 26.91
C GLY A 24 -4.26 -2.61 26.93
N THR A 25 -4.28 -1.35 27.37
N THR A 25 -4.25 -1.35 27.37
CA THR A 25 -5.53 -0.59 27.44
CA THR A 25 -5.46 -0.51 27.44
C THR A 25 -6.05 -0.19 26.04
C THR A 25 -6.02 -0.26 26.05
N ASN A 26 -5.14 0.13 25.12
CA ASN A 26 -5.53 0.39 23.72
C ASN A 26 -6.04 -0.89 23.05
N ALA A 27 -5.45 -2.04 23.39
CA ALA A 27 -5.91 -3.33 22.87
C ALA A 27 -7.33 -3.63 23.33
N LEU A 28 -7.59 -3.44 24.63
CA LEU A 28 -8.93 -3.65 25.16
C LEU A 28 -9.94 -2.64 24.63
N ASN A 29 -9.51 -1.40 24.41
CA ASN A 29 -10.40 -0.37 23.82
C ASN A 29 -10.87 -0.75 22.42
N ILE A 30 -9.95 -1.18 21.56
CA ILE A 30 -10.33 -1.53 20.18
C ILE A 30 -11.11 -2.85 20.12
N ILE A 31 -10.75 -3.80 21.00
CA ILE A 31 -11.53 -5.04 21.14
C ILE A 31 -12.98 -4.73 21.57
N ARG A 32 -13.14 -3.86 22.56
CA ARG A 32 -14.49 -3.45 23.02
C ARG A 32 -15.29 -2.87 21.88
N GLU A 33 -14.70 -1.92 21.17
CA GLU A 33 -15.42 -1.20 20.12
C GLU A 33 -15.76 -2.10 18.93
N CYS A 34 -14.81 -2.93 18.51
CA CYS A 34 -15.07 -3.90 17.44
C CYS A 34 -16.12 -4.94 17.81
N ASN A 35 -16.11 -5.40 19.06
CA ASN A 35 -17.11 -6.39 19.52
C ASN A 35 -18.55 -5.85 19.56
N LYS A 36 -18.69 -4.54 19.69
CA LYS A 36 -20.03 -3.92 19.55
C LYS A 36 -20.61 -4.06 18.15
N ILE A 37 -19.74 -4.08 17.15
CA ILE A 37 -20.15 -4.20 15.75
C ILE A 37 -20.44 -5.65 15.39
N GLU A 38 -19.55 -6.54 15.81
CA GLU A 38 -19.73 -7.98 15.62
C GLU A 38 -18.88 -8.67 16.67
N ASN A 39 -19.41 -9.74 17.26
CA ASN A 39 -18.65 -10.45 18.28
C ASN A 39 -17.52 -11.24 17.62
N VAL A 40 -16.33 -10.66 17.66
CA VAL A 40 -15.14 -11.20 16.98
C VAL A 40 -14.13 -11.75 17.99
N PHE A 41 -13.96 -11.08 19.13
CA PHE A 41 -12.91 -11.42 20.10
C PHE A 41 -13.44 -11.98 21.40
N ASN A 42 -12.77 -13.02 21.89
CA ASN A 42 -12.96 -13.51 23.25
C ASN A 42 -11.66 -13.22 23.98
N VAL A 43 -11.70 -12.35 24.98
CA VAL A 43 -10.54 -12.06 25.82
C VAL A 43 -10.42 -13.19 26.84
N LYS A 44 -9.42 -14.05 26.67
CA LYS A 44 -9.29 -15.29 27.46
C LYS A 44 -8.43 -15.16 28.70
N ALA A 45 -7.51 -14.20 28.72
CA ALA A 45 -6.59 -14.04 29.83
C ALA A 45 -6.08 -12.62 29.96
N LEU A 46 -5.92 -12.16 31.19
CA LEU A 46 -5.31 -10.87 31.50
C LEU A 46 -4.22 -11.05 32.55
N TYR A 47 -3.10 -10.35 32.37
CA TYR A 47 -1.89 -10.49 33.21
C TYR A 47 -1.31 -9.12 33.50
N VAL A 48 -1.13 -8.80 34.79
CA VAL A 48 -0.54 -7.52 35.23
C VAL A 48 0.53 -7.76 36.30
N ASN A 49 1.29 -6.71 36.63
CA ASN A 49 2.30 -6.80 37.71
C ASN A 49 1.64 -6.77 39.09
N LYS A 50 1.11 -5.60 39.48
CA LYS A 50 0.52 -5.42 40.81
C LYS A 50 -0.75 -4.54 40.84
N SER A 51 -1.30 -4.19 39.69
CA SER A 51 -2.47 -3.31 39.61
C SER A 51 -3.72 -4.18 39.76
N VAL A 52 -3.97 -4.60 41.00
CA VAL A 52 -5.04 -5.55 41.31
C VAL A 52 -6.44 -4.98 41.10
N ASN A 53 -6.62 -3.69 41.42
CA ASN A 53 -7.92 -3.01 41.29
C ASN A 53 -8.25 -2.76 39.82
N GLU A 54 -7.23 -2.38 39.04
CA GLU A 54 -7.39 -2.17 37.60
C GLU A 54 -7.67 -3.50 36.90
N LEU A 55 -7.02 -4.56 37.34
CA LEU A 55 -7.30 -5.91 36.82
C LEU A 55 -8.73 -6.36 37.14
N TYR A 56 -9.20 -6.08 38.36
CA TYR A 56 -10.58 -6.37 38.75
C TYR A 56 -11.59 -5.67 37.83
N GLU A 57 -11.37 -4.37 37.58
CA GLU A 57 -12.23 -3.59 36.68
C GLU A 57 -12.26 -4.18 35.26
N GLN A 58 -11.11 -4.64 34.77
CA GLN A 58 -11.05 -5.30 33.44
C GLN A 58 -11.73 -6.66 33.46
N ALA A 59 -11.51 -7.43 34.53
CA ALA A 59 -12.15 -8.73 34.68
C ALA A 59 -13.69 -8.61 34.71
N ARG A 60 -14.17 -7.58 35.39
CA ARG A 60 -15.61 -7.25 35.49
C ARG A 60 -16.24 -7.11 34.11
N GLU A 61 -15.57 -6.39 33.23
CA GLU A 61 -16.05 -6.17 31.85
C GLU A 61 -15.82 -7.36 30.92
N PHE A 62 -14.58 -7.86 30.86
CA PHE A 62 -14.19 -8.82 29.82
C PHE A 62 -14.35 -10.29 30.21
N LEU A 63 -14.49 -10.58 31.51
CA LEU A 63 -14.76 -11.93 32.02
C LEU A 63 -13.84 -13.01 31.45
N PRO A 64 -12.51 -12.80 31.55
CA PRO A 64 -11.61 -13.80 30.97
C PRO A 64 -11.56 -15.11 31.75
N GLU A 65 -11.30 -16.22 31.04
CA GLU A 65 -11.14 -17.54 31.66
C GLU A 65 -9.99 -17.55 32.67
N TYR A 66 -8.89 -16.85 32.34
CA TYR A 66 -7.70 -16.75 33.20
C TYR A 66 -7.45 -15.34 33.71
N LEU A 67 -7.00 -15.24 34.96
CA LEU A 67 -6.46 -13.99 35.52
C LEU A 67 -5.10 -14.30 36.15
N CYS A 68 -4.11 -13.43 35.91
CA CYS A 68 -2.79 -13.59 36.54
C CYS A 68 -2.22 -12.28 37.03
N ILE A 69 -1.62 -12.33 38.22
CA ILE A 69 -0.94 -11.17 38.79
C ILE A 69 0.46 -11.63 39.20
N HIS A 70 1.47 -10.85 38.83
CA HIS A 70 2.87 -11.25 39.04
C HIS A 70 3.26 -11.18 40.50
N ASP A 71 2.91 -10.07 41.15
CA ASP A 71 3.16 -9.84 42.57
C ASP A 71 2.24 -10.73 43.43
N LYS A 72 2.82 -11.75 44.05
CA LYS A 72 2.07 -12.72 44.87
C LYS A 72 1.53 -12.13 46.19
N SER A 73 2.06 -10.98 46.62
CA SER A 73 1.55 -10.29 47.81
C SER A 73 0.11 -9.79 47.66
N VAL A 74 -0.32 -9.52 46.42
CA VAL A 74 -1.70 -9.07 46.14
C VAL A 74 -2.60 -10.18 45.51
N TYR A 75 -2.17 -11.44 45.62
CA TYR A 75 -2.93 -12.57 45.06
C TYR A 75 -4.26 -12.81 45.79
N GLU A 76 -4.23 -12.74 47.12
CA GLU A 76 -5.43 -12.97 47.94
C GLU A 76 -6.39 -11.77 47.83
N GLU A 77 -5.83 -10.57 47.77
CA GLU A 77 -6.59 -9.34 47.51
C GLU A 77 -7.39 -9.40 46.21
N LEU A 78 -6.83 -10.04 45.17
CA LEU A 78 -7.53 -10.26 43.90
C LEU A 78 -8.65 -11.29 44.05
N LYS A 79 -8.37 -12.39 44.74
CA LYS A 79 -9.35 -13.48 44.92
C LYS A 79 -10.64 -13.00 45.61
N GLU A 80 -10.51 -12.09 46.58
CA GLU A 80 -11.67 -11.55 47.31
C GLU A 80 -12.50 -10.62 46.41
N LEU A 81 -11.83 -9.68 45.74
CA LEU A 81 -12.50 -8.73 44.83
C LEU A 81 -13.32 -9.42 43.74
N VAL A 82 -12.77 -10.48 43.16
CA VAL A 82 -13.38 -11.20 42.03
C VAL A 82 -14.71 -11.93 42.41
N LYS A 83 -14.90 -12.22 43.70
CA LYS A 83 -16.18 -12.78 44.18
C LYS A 83 -17.39 -11.86 43.95
N ASN A 84 -17.13 -10.54 43.84
CA ASN A 84 -18.18 -9.55 43.52
C ASN A 84 -18.83 -9.71 42.14
N ILE A 85 -18.12 -10.33 41.19
CA ILE A 85 -18.60 -10.45 39.82
C ILE A 85 -19.50 -11.68 39.69
N LYS A 86 -20.71 -11.47 39.17
CA LYS A 86 -21.74 -12.51 39.10
C LYS A 86 -21.50 -13.50 37.97
N ASP A 87 -21.88 -14.75 38.19
CA ASP A 87 -21.85 -15.81 37.17
C ASP A 87 -20.44 -15.99 36.55
N TYR A 88 -19.41 -15.93 37.40
CA TYR A 88 -18.02 -15.83 36.96
C TYR A 88 -17.07 -16.55 37.92
N LYS A 89 -16.41 -17.60 37.42
CA LYS A 89 -15.46 -18.39 38.21
C LYS A 89 -14.15 -18.58 37.42
N PRO A 90 -13.27 -17.56 37.46
CA PRO A 90 -12.03 -17.61 36.69
C PRO A 90 -10.91 -18.39 37.36
N ILE A 91 -9.99 -18.90 36.55
CA ILE A 91 -8.77 -19.52 37.04
C ILE A 91 -7.78 -18.40 37.39
N ILE A 92 -7.58 -18.16 38.69
CA ILE A 92 -6.70 -17.09 39.17
C ILE A 92 -5.31 -17.67 39.45
N LEU A 93 -4.29 -17.16 38.77
CA LEU A 93 -2.91 -17.66 38.85
C LEU A 93 -1.95 -16.56 39.28
N CYS A 94 -0.69 -16.94 39.50
CA CYS A 94 0.31 -16.04 40.07
C CYS A 94 1.71 -16.21 39.44
N GLY A 95 2.42 -15.09 39.29
CA GLY A 95 3.85 -15.08 38.93
C GLY A 95 4.21 -15.61 37.55
N ASP A 96 5.49 -15.97 37.39
CA ASP A 96 6.00 -16.57 36.16
C ASP A 96 5.32 -17.89 35.84
N GLU A 97 5.00 -18.68 36.86
CA GLU A 97 4.30 -19.96 36.68
C GLU A 97 2.89 -19.77 36.11
N GLY A 98 2.22 -18.69 36.54
CA GLY A 98 0.91 -18.33 36.00
C GLY A 98 0.99 -17.96 34.53
N MET A 99 1.92 -17.05 34.22
CA MET A 99 2.21 -16.65 32.84
C MET A 99 2.45 -17.88 31.96
N LYS A 100 3.28 -18.81 32.44
CA LYS A 100 3.59 -20.02 31.68
C LYS A 100 2.36 -20.93 31.47
N GLU A 101 1.49 -21.03 32.47
CA GLU A 101 0.27 -21.81 32.32
C GLU A 101 -0.67 -21.19 31.27
N ILE A 102 -0.76 -19.85 31.25
CA ILE A 102 -1.57 -19.13 30.26
C ILE A 102 -1.03 -19.40 28.83
N CYS A 103 0.28 -19.20 28.63
CA CYS A 103 0.91 -19.50 27.32
C CYS A 103 0.66 -20.93 26.84
N SER A 104 0.63 -21.90 27.76
CA SER A 104 0.41 -23.31 27.40
C SER A 104 -1.06 -23.70 27.16
N SER A 105 -2.00 -22.82 27.45
CA SER A 105 -3.42 -23.12 27.30
C SER A 105 -3.82 -23.28 25.83
N ASN A 106 -4.58 -24.34 25.54
CA ASN A 106 -5.08 -24.60 24.18
C ASN A 106 -6.22 -23.67 23.77
N SER A 107 -6.82 -22.99 24.73
CA SER A 107 -7.90 -22.03 24.47
C SER A 107 -7.41 -20.66 23.97
N ILE A 108 -6.10 -20.42 23.96
CA ILE A 108 -5.52 -19.12 23.59
C ILE A 108 -4.80 -19.23 22.24
N ASP A 109 -5.18 -18.35 21.30
CA ASP A 109 -4.59 -18.31 19.96
C ASP A 109 -3.51 -17.23 19.83
N LYS A 110 -3.78 -16.05 20.40
CA LYS A 110 -2.95 -14.85 20.17
C LYS A 110 -2.65 -14.19 21.50
N ILE A 111 -1.40 -13.74 21.65
CA ILE A 111 -0.95 -13.10 22.89
C ILE A 111 -0.36 -11.72 22.56
N VAL A 112 -0.96 -10.68 23.15
CA VAL A 112 -0.45 -9.33 23.06
C VAL A 112 0.58 -9.11 24.16
N ILE A 113 1.82 -8.80 23.79
CA ILE A 113 2.89 -8.51 24.76
C ILE A 113 3.03 -7.01 24.94
N GLY A 114 2.43 -6.48 25.99
CA GLY A 114 2.53 -5.06 26.36
C GLY A 114 3.39 -4.84 27.60
N ILE A 115 4.45 -5.63 27.75
CA ILE A 115 5.38 -5.53 28.88
C ILE A 115 6.71 -4.98 28.36
N ASP A 116 7.25 -3.97 29.04
CA ASP A 116 8.53 -3.37 28.68
C ASP A 116 9.71 -4.15 29.27
N SER A 117 10.86 -4.08 28.60
CA SER A 117 12.12 -4.72 29.03
C SER A 117 12.06 -6.27 29.06
N PHE A 118 12.85 -6.91 29.92
CA PHE A 118 13.15 -8.34 29.79
C PHE A 118 12.08 -9.31 30.31
N GLN A 119 11.12 -8.84 31.10
CA GLN A 119 9.92 -9.64 31.42
C GLN A 119 9.03 -9.78 30.17
N GLY A 120 9.10 -8.77 29.30
CA GLY A 120 8.52 -8.84 27.96
C GLY A 120 9.18 -9.90 27.09
N LEU A 121 10.52 -9.91 27.07
CA LEU A 121 11.27 -10.96 26.34
C LEU A 121 10.98 -12.35 26.91
N TYR A 122 10.94 -12.45 28.23
CA TYR A 122 10.69 -13.72 28.89
C TYR A 122 9.33 -14.32 28.51
N SER A 123 8.27 -13.49 28.55
CA SER A 123 6.93 -13.95 28.18
CA SER A 123 6.92 -13.95 28.18
C SER A 123 6.82 -14.24 26.68
N THR A 124 7.50 -13.44 25.86
CA THR A 124 7.55 -13.69 24.42
C THR A 124 8.11 -15.08 24.12
N MET A 125 9.19 -15.42 24.81
CA MET A 125 9.87 -16.71 24.66
C MET A 125 8.89 -17.88 24.91
N TYR A 126 8.15 -17.83 26.01
CA TYR A 126 7.16 -18.88 26.31
C TYR A 126 5.96 -18.92 25.37
N ALA A 127 5.52 -17.77 24.87
CA ALA A 127 4.47 -17.75 23.85
C ALA A 127 4.95 -18.45 22.57
N ILE A 128 6.19 -18.19 22.18
CA ILE A 128 6.78 -18.84 21.00
C ILE A 128 6.94 -20.35 21.19
N MET A 129 7.44 -20.77 22.35
CA MET A 129 7.57 -22.20 22.67
C MET A 129 6.24 -22.95 22.58
N ASN A 130 5.14 -22.23 22.84
CA ASN A 130 3.79 -22.78 22.72
C ASN A 130 3.11 -22.53 21.38
N ASN A 131 3.89 -22.16 20.35
CA ASN A 131 3.41 -22.05 18.98
C ASN A 131 2.24 -21.07 18.78
N LYS A 132 2.23 -20.00 19.57
CA LYS A 132 1.19 -18.97 19.50
C LYS A 132 1.57 -17.87 18.52
N ILE A 133 0.56 -17.09 18.14
CA ILE A 133 0.77 -15.82 17.47
C ILE A 133 1.07 -14.77 18.55
N VAL A 134 2.18 -14.07 18.39
CA VAL A 134 2.65 -13.12 19.39
C VAL A 134 2.65 -11.71 18.80
N ALA A 135 1.76 -10.87 19.31
CA ALA A 135 1.65 -9.49 18.86
C ALA A 135 2.61 -8.66 19.72
N LEU A 136 3.72 -8.27 19.13
CA LEU A 136 4.88 -7.76 19.90
C LEU A 136 5.16 -6.30 19.63
N ALA A 137 5.05 -5.49 20.68
CA ALA A 137 5.30 -4.05 20.63
C ALA A 137 6.72 -3.67 21.12
N ASN A 138 7.34 -4.57 21.88
CA ASN A 138 8.59 -4.30 22.58
C ASN A 138 9.81 -4.36 21.64
N LYS A 139 10.20 -3.21 21.12
CA LYS A 139 11.32 -3.13 20.16
C LYS A 139 12.67 -3.46 20.77
N GLU A 140 12.85 -3.14 22.05
CA GLU A 140 14.11 -3.43 22.73
C GLU A 140 14.39 -4.92 22.81
N SER A 141 13.35 -5.73 22.97
CA SER A 141 13.51 -7.21 22.94
C SER A 141 14.00 -7.76 21.60
N ILE A 142 13.49 -7.19 20.51
CA ILE A 142 13.93 -7.57 19.15
C ILE A 142 15.36 -7.10 18.88
N VAL A 143 15.69 -5.87 19.29
CA VAL A 143 17.03 -5.33 19.12
C VAL A 143 18.06 -6.15 19.92
N SER A 144 17.75 -6.45 21.17
N SER A 144 17.74 -6.43 21.17
CA SER A 144 18.71 -7.13 22.03
CA SER A 144 18.63 -7.14 22.10
C SER A 144 18.79 -8.64 21.86
C SER A 144 18.81 -8.62 21.75
N ALA A 145 17.71 -9.27 21.40
CA ALA A 145 17.66 -10.75 21.30
C ALA A 145 17.19 -11.26 19.95
N GLY A 146 17.35 -10.45 18.92
CA GLY A 146 16.88 -10.78 17.57
C GLY A 146 17.34 -12.12 17.04
N PHE A 147 18.63 -12.43 17.16
CA PHE A 147 19.14 -13.68 16.63
C PHE A 147 18.60 -14.87 17.44
N PHE A 148 18.48 -14.69 18.75
CA PHE A 148 17.85 -15.69 19.62
C PHE A 148 16.38 -15.95 19.24
N LEU A 149 15.62 -14.89 19.00
CA LEU A 149 14.21 -15.04 18.58
C LEU A 149 14.12 -15.73 17.22
N LYS A 150 15.01 -15.42 16.30
CA LYS A 150 15.05 -16.11 14.99
C LYS A 150 15.27 -17.62 15.15
N LYS A 151 16.25 -17.99 15.97
CA LYS A 151 16.53 -19.40 16.28
C LYS A 151 15.30 -20.10 16.88
N LEU A 152 14.65 -19.46 17.84
CA LEU A 152 13.48 -20.01 18.52
C LEU A 152 12.30 -20.20 17.54
N LEU A 153 12.10 -19.21 16.66
CA LEU A 153 11.05 -19.27 15.62
C LEU A 153 11.33 -20.33 14.54
N ASN A 154 12.61 -20.67 14.31
CA ASN A 154 12.98 -21.75 13.38
C ASN A 154 12.62 -23.12 13.95
N ILE A 155 12.69 -23.27 15.27
CA ILE A 155 12.35 -24.51 15.96
C ILE A 155 10.83 -24.65 16.06
N HIS A 156 10.17 -23.60 16.54
CA HIS A 156 8.73 -23.63 16.81
C HIS A 156 8.00 -23.11 15.58
N LYS A 157 7.70 -24.03 14.67
CA LYS A 157 7.38 -23.66 13.30
C LYS A 157 6.06 -22.92 13.13
N ASN A 158 5.07 -23.21 13.98
CA ASN A 158 3.78 -22.50 13.94
C ASN A 158 3.71 -21.20 14.76
N ALA A 159 4.76 -20.89 15.53
CA ALA A 159 4.80 -19.62 16.24
C ALA A 159 5.06 -18.51 15.25
N LYS A 160 4.49 -17.33 15.50
CA LYS A 160 4.69 -16.15 14.66
C LYS A 160 4.76 -14.90 15.52
N ILE A 161 5.72 -14.01 15.22
CA ILE A 161 5.72 -12.64 15.74
C ILE A 161 5.04 -11.76 14.71
N ILE A 162 4.03 -11.00 15.15
CA ILE A 162 3.37 -10.01 14.29
C ILE A 162 3.69 -8.64 14.90
N PRO A 163 4.29 -7.73 14.12
CA PRO A 163 4.76 -6.48 14.72
C PRO A 163 3.65 -5.49 15.05
N VAL A 164 3.73 -4.87 16.22
CA VAL A 164 2.78 -3.86 16.68
C VAL A 164 3.39 -2.45 16.69
N ASP A 165 4.71 -2.34 16.79
CA ASP A 165 5.38 -1.02 16.68
C ASP A 165 4.87 -0.35 15.39
N SER A 166 4.44 0.91 15.48
CA SER A 166 3.59 1.51 14.42
C SER A 166 4.19 1.46 13.02
N GLU A 167 5.49 1.70 12.91
CA GLU A 167 6.17 1.74 11.61
C GLU A 167 6.30 0.33 11.01
N HIS A 168 6.49 -0.65 11.89
CA HIS A 168 6.71 -2.04 11.49
C HIS A 168 5.38 -2.69 11.15
N SER A 169 4.33 -2.32 11.89
CA SER A 169 2.96 -2.66 11.48
C SER A 169 2.65 -2.09 10.09
N ALA A 170 3.05 -0.83 9.87
CA ALA A 170 2.83 -0.19 8.57
C ALA A 170 3.49 -0.99 7.45
N ILE A 171 4.78 -1.31 7.63
CA ILE A 171 5.54 -2.09 6.65
C ILE A 171 4.81 -3.42 6.39
N PHE A 172 4.44 -4.12 7.46
CA PHE A 172 3.76 -5.41 7.37
C PHE A 172 2.42 -5.28 6.64
N GLN A 173 1.67 -4.21 6.91
CA GLN A 173 0.41 -3.93 6.20
C GLN A 173 0.58 -3.64 4.70
N CYS A 174 1.76 -3.18 4.28
CA CYS A 174 2.05 -2.88 2.89
C CYS A 174 2.44 -4.11 2.06
N LEU A 175 2.57 -5.27 2.71
CA LEU A 175 2.99 -6.50 2.03
C LEU A 175 1.79 -7.29 1.55
N ASP A 176 2.01 -8.08 0.50
CA ASP A 176 1.04 -8.99 -0.07
C ASP A 176 0.96 -10.24 0.79
N ASN A 177 -0.18 -10.51 1.41
CA ASN A 177 -0.27 -11.72 2.27
C ASN A 177 -0.18 -13.04 1.53
N ASN A 178 -0.44 -13.03 0.21
CA ASN A 178 -0.17 -14.21 -0.60
C ASN A 178 1.33 -14.59 -0.53
N LYS A 179 2.21 -13.59 -0.36
CA LYS A 179 3.65 -13.81 -0.16
C LYS A 179 4.00 -14.01 1.32
N VAL A 180 3.44 -13.18 2.19
CA VAL A 180 3.72 -13.28 3.65
C VAL A 180 3.43 -14.70 4.17
N LEU A 181 2.31 -15.26 3.73
CA LEU A 181 1.90 -16.60 4.19
C LEU A 181 2.87 -17.74 3.78
N LYS A 182 3.76 -17.50 2.82
CA LYS A 182 4.81 -18.46 2.46
C LYS A 182 6.01 -18.43 3.41
N THR A 183 6.05 -17.44 4.30
CA THR A 183 7.19 -17.24 5.21
C THR A 183 6.61 -16.73 6.55
N LYS A 184 7.41 -16.01 7.33
CA LYS A 184 6.91 -15.31 8.53
C LYS A 184 8.00 -14.33 8.99
N CYS A 185 7.63 -13.37 9.82
CA CYS A 185 8.60 -12.38 10.30
C CYS A 185 9.74 -13.01 11.06
N LEU A 186 10.88 -12.34 11.02
CA LEU A 186 12.09 -12.74 11.77
C LEU A 186 12.61 -14.07 11.23
N GLN A 187 12.57 -14.19 9.90
CA GLN A 187 13.06 -15.37 9.17
C GLN A 187 13.97 -14.93 8.03
N ASP A 188 15.03 -15.72 7.82
CA ASP A 188 15.91 -15.48 6.67
C ASP A 188 15.11 -15.54 5.37
N ASN A 189 15.48 -14.67 4.44
CA ASN A 189 14.88 -14.57 3.09
C ASN A 189 13.47 -13.97 3.04
N PHE A 190 12.99 -13.39 4.15
CA PHE A 190 11.68 -12.75 4.19
C PHE A 190 11.54 -11.68 3.10
N SER A 191 12.57 -10.85 2.94
N SER A 191 12.57 -10.85 2.95
CA SER A 191 12.53 -9.77 1.94
CA SER A 191 12.53 -9.79 1.93
C SER A 191 12.56 -10.29 0.51
C SER A 191 12.49 -10.35 0.52
N LYS A 192 13.32 -11.36 0.25
CA LYS A 192 13.31 -12.01 -1.07
C LYS A 192 11.93 -12.56 -1.46
N ILE A 193 11.31 -13.28 -0.53
CA ILE A 193 10.01 -13.89 -0.77
C ILE A 193 8.94 -12.81 -1.00
N ASN A 194 9.07 -11.70 -0.28
CA ASN A 194 8.12 -10.58 -0.39
C ASN A 194 8.47 -9.52 -1.45
N ASN A 195 9.54 -9.74 -2.22
CA ASN A 195 9.98 -8.80 -3.27
C ASN A 195 10.27 -7.40 -2.72
N ILE A 196 10.77 -7.32 -1.49
CA ILE A 196 11.09 -6.04 -0.86
C ILE A 196 12.47 -5.60 -1.30
N ASN A 197 12.56 -4.36 -1.77
CA ASN A 197 13.85 -3.77 -2.15
C ASN A 197 14.42 -2.82 -1.11
N LYS A 198 13.56 -2.02 -0.49
CA LYS A 198 14.01 -0.93 0.35
C LYS A 198 12.87 -0.45 1.25
N ILE A 199 13.22 0.11 2.42
CA ILE A 199 12.23 0.61 3.39
C ILE A 199 12.46 2.09 3.66
N PHE A 200 11.38 2.88 3.60
CA PHE A 200 11.34 4.22 4.16
C PHE A 200 10.74 4.12 5.56
N LEU A 201 11.57 4.37 6.56
CA LEU A 201 11.17 4.30 7.96
C LEU A 201 10.89 5.73 8.44
N CYS A 202 9.62 6.03 8.63
CA CYS A 202 9.17 7.41 8.92
C CYS A 202 9.38 7.73 10.41
N SER A 203 9.85 8.95 10.68
CA SER A 203 10.07 9.47 12.02
C SER A 203 9.36 10.79 12.18
N SER A 204 8.82 11.05 13.37
CA SER A 204 8.26 12.36 13.69
C SER A 204 9.35 13.42 13.68
N GLY A 205 10.59 13.02 13.99
CA GLY A 205 11.72 13.93 14.12
C GLY A 205 11.90 14.47 15.54
N GLY A 206 10.88 14.36 16.39
CA GLY A 206 10.99 14.82 17.77
C GLY A 206 10.96 16.35 17.87
N PRO A 207 11.14 16.89 19.08
CA PRO A 207 11.02 18.34 19.25
C PRO A 207 12.21 19.18 18.79
N PHE A 208 13.33 18.56 18.44
CA PHE A 208 14.59 19.29 18.22
C PHE A 208 15.05 19.44 16.75
N GLN A 209 14.19 19.22 15.75
CA GLN A 209 14.64 19.30 14.33
C GLN A 209 15.18 20.62 13.83
N ASN A 210 14.68 21.73 14.38
CA ASN A 210 15.13 23.04 13.93
C ASN A 210 16.27 23.61 14.78
N LEU A 211 16.73 22.88 15.80
CA LEU A 211 17.75 23.39 16.71
C LEU A 211 19.15 23.28 16.11
N THR A 212 19.99 24.25 16.44
CA THR A 212 21.39 24.24 16.04
C THR A 212 22.18 23.31 16.95
N MET A 213 23.40 23.00 16.53
CA MET A 213 24.32 22.22 17.36
C MET A 213 24.52 22.88 18.72
N ASP A 214 24.69 24.22 18.74
CA ASP A 214 24.85 24.94 20.01
C ASP A 214 23.62 24.89 20.91
N GLU A 215 22.42 24.92 20.33
CA GLU A 215 21.18 24.76 21.08
C GLU A 215 21.05 23.34 21.64
N LEU A 216 21.37 22.33 20.82
CA LEU A 216 21.36 20.94 21.28
C LEU A 216 22.28 20.69 22.47
N LYS A 217 23.42 21.36 22.50
CA LYS A 217 24.35 21.21 23.64
C LYS A 217 23.63 21.41 24.97
N ASN A 218 22.69 22.37 25.02
CA ASN A 218 21.99 22.78 26.25
C ASN A 218 20.58 22.22 26.49
N VAL A 219 20.02 21.46 25.56
CA VAL A 219 18.67 20.93 25.79
C VAL A 219 18.63 19.98 26.99
N THR A 220 17.51 20.03 27.70
CA THR A 220 17.27 19.23 28.88
C THR A 220 16.13 18.26 28.64
N SER A 221 15.93 17.34 29.59
CA SER A 221 14.83 16.40 29.51
C SER A 221 13.48 17.12 29.62
N GLU A 222 13.43 18.21 30.38
CA GLU A 222 12.20 19.03 30.42
C GLU A 222 11.83 19.55 29.04
N ASN A 223 12.80 20.02 28.25
CA ASN A 223 12.52 20.47 26.87
C ASN A 223 11.93 19.34 26.02
N ALA A 224 12.43 18.12 26.23
CA ALA A 224 11.94 16.94 25.51
C ALA A 224 10.56 16.50 25.97
N LEU A 225 10.29 16.60 27.28
CA LEU A 225 9.02 16.14 27.86
C LEU A 225 7.91 17.19 27.92
N LYS A 226 8.27 18.47 28.09
CA LYS A 226 7.30 19.56 28.31
C LYS A 226 6.38 19.75 27.11
N HIS A 227 5.08 19.83 27.40
CA HIS A 227 4.02 20.02 26.40
C HIS A 227 4.33 19.32 25.07
N PRO A 228 4.39 17.98 25.09
CA PRO A 228 4.80 17.23 23.92
C PRO A 228 3.71 17.24 22.85
N LYS A 229 4.10 17.14 21.59
CA LYS A 229 3.14 17.02 20.50
C LYS A 229 2.41 15.67 20.57
N TRP A 230 3.15 14.63 20.96
CA TRP A 230 2.61 13.28 21.11
C TRP A 230 2.82 12.83 22.55
N LYS A 231 1.72 12.51 23.24
CA LYS A 231 1.79 12.05 24.64
C LYS A 231 2.20 10.57 24.67
N MET A 232 3.41 10.30 25.16
CA MET A 232 3.96 8.95 25.26
C MET A 232 4.76 8.80 26.56
N GLY A 233 5.22 7.58 26.85
CA GLY A 233 6.05 7.34 28.04
C GLY A 233 7.37 8.11 28.02
N LYS A 234 7.99 8.29 29.17
CA LYS A 234 9.20 9.13 29.27
C LYS A 234 10.38 8.55 28.49
N LYS A 235 10.59 7.25 28.60
CA LYS A 235 11.74 6.61 27.95
C LYS A 235 11.69 6.78 26.43
N ILE A 236 10.56 6.43 25.82
CA ILE A 236 10.41 6.59 24.37
C ILE A 236 10.42 8.07 23.94
N THR A 237 9.90 8.96 24.80
CA THR A 237 9.93 10.40 24.49
C THR A 237 11.37 10.92 24.41
N ILE A 238 12.24 10.48 25.33
CA ILE A 238 13.66 10.82 25.25
C ILE A 238 14.32 10.22 24.00
N ASP A 239 14.00 8.95 23.71
CA ASP A 239 14.54 8.32 22.49
C ASP A 239 14.06 9.01 21.21
N SER A 240 12.83 9.52 21.20
CA SER A 240 12.35 10.31 20.08
C SER A 240 13.12 11.63 19.96
N ALA A 241 13.46 12.23 21.09
CA ALA A 241 14.20 13.50 21.08
C ALA A 241 15.62 13.34 20.49
N THR A 242 16.27 12.22 20.80
CA THR A 242 17.62 11.95 20.30
C THR A 242 17.65 11.24 18.94
N MET A 243 16.46 10.81 18.48
CA MET A 243 16.26 9.90 17.33
C MET A 243 16.84 8.49 17.54
N MET A 244 17.28 8.16 18.76
CA MET A 244 17.62 6.77 19.04
C MET A 244 16.41 5.87 18.92
N ASN A 245 15.19 6.39 19.12
CA ASN A 245 14.01 5.57 18.88
C ASN A 245 14.06 5.02 17.46
N LYS A 246 14.28 5.90 16.48
CA LYS A 246 14.40 5.43 15.09
C LYS A 246 15.62 4.54 14.88
N GLY A 247 16.72 4.83 15.55
CA GLY A 247 17.90 3.94 15.50
C GLY A 247 17.55 2.52 15.89
N LEU A 248 16.87 2.38 17.01
CA LEU A 248 16.43 1.05 17.46
C LEU A 248 15.50 0.42 16.44
N GLU A 249 14.61 1.24 15.87
CA GLU A 249 13.66 0.77 14.87
C GLU A 249 14.29 0.34 13.53
N VAL A 250 15.44 0.91 13.18
CA VAL A 250 16.23 0.43 12.04
C VAL A 250 16.65 -1.01 12.26
N ILE A 251 17.21 -1.30 13.45
CA ILE A 251 17.63 -2.66 13.78
C ILE A 251 16.41 -3.59 13.85
N GLU A 252 15.32 -3.11 14.44
CA GLU A 252 14.04 -3.86 14.46
C GLU A 252 13.58 -4.24 13.04
N THR A 253 13.64 -3.29 12.12
CA THR A 253 13.32 -3.53 10.70
C THR A 253 14.18 -4.63 10.07
N HIS A 254 15.49 -4.52 10.30
CA HIS A 254 16.44 -5.51 9.79
C HIS A 254 16.09 -6.94 10.23
N PHE A 255 15.84 -7.11 11.53
CA PHE A 255 15.51 -8.43 12.06
C PHE A 255 14.13 -8.93 11.65
N LEU A 256 13.10 -8.08 11.77
CA LEU A 256 11.74 -8.53 11.40
C LEU A 256 11.61 -8.93 9.93
N PHE A 257 12.24 -8.17 9.04
CA PHE A 257 11.95 -8.27 7.62
C PHE A 257 13.14 -8.70 6.76
N ASP A 258 14.30 -8.95 7.39
CA ASP A 258 15.53 -9.33 6.68
C ASP A 258 15.90 -8.35 5.56
N VAL A 259 15.84 -7.07 5.90
CA VAL A 259 16.22 -5.99 4.98
C VAL A 259 17.64 -5.52 5.34
N ASP A 260 18.52 -5.43 4.35
CA ASP A 260 19.90 -4.98 4.57
C ASP A 260 19.91 -3.53 5.08
N TYR A 261 20.86 -3.19 5.94
CA TYR A 261 20.95 -1.84 6.50
C TYR A 261 21.08 -0.74 5.44
N ASN A 262 21.81 -1.02 4.35
CA ASN A 262 21.93 -0.07 3.25
C ASN A 262 20.60 0.21 2.53
N ASP A 263 19.62 -0.65 2.77
CA ASP A 263 18.29 -0.52 2.16
C ASP A 263 17.21 -0.03 3.14
N ILE A 264 17.62 0.53 4.28
CA ILE A 264 16.68 1.15 5.24
C ILE A 264 17.03 2.63 5.29
N GLU A 265 16.07 3.50 4.94
CA GLU A 265 16.25 4.95 4.97
C GLU A 265 15.34 5.57 6.03
N VAL A 266 15.93 6.33 6.96
CA VAL A 266 15.14 7.08 7.93
C VAL A 266 14.74 8.39 7.27
N ILE A 267 13.45 8.71 7.33
CA ILE A 267 12.95 9.94 6.74
C ILE A 267 12.08 10.67 7.75
N VAL A 268 12.27 11.98 7.89
CA VAL A 268 11.52 12.76 8.88
C VAL A 268 10.21 13.21 8.24
N HIS A 269 9.10 12.72 8.81
CA HIS A 269 7.73 13.01 8.36
C HIS A 269 6.93 13.54 9.56
N LYS A 270 6.94 14.86 9.74
CA LYS A 270 6.48 15.44 11.00
C LYS A 270 4.98 15.31 11.27
N GLU A 271 4.19 15.15 10.22
CA GLU A 271 2.73 15.03 10.37
C GLU A 271 2.30 13.67 10.93
N CYS A 272 3.15 12.65 10.82
CA CYS A 272 2.87 11.34 11.39
C CYS A 272 1.56 10.73 10.88
N ILE A 273 1.28 10.96 9.60
CA ILE A 273 0.16 10.33 8.90
C ILE A 273 0.61 9.09 8.12
N ILE A 274 1.61 9.22 7.26
CA ILE A 274 2.29 8.04 6.67
C ILE A 274 3.16 7.38 7.73
N HIS A 275 2.95 6.10 7.99
CA HIS A 275 3.65 5.45 9.10
C HIS A 275 4.91 4.72 8.71
N SER A 276 5.01 4.35 7.43
CA SER A 276 6.25 3.95 6.73
C SER A 276 5.87 3.48 5.33
N CYS A 277 6.87 3.23 4.48
CA CYS A 277 6.68 2.85 3.08
C CYS A 277 7.61 1.73 2.67
N VAL A 278 7.12 0.88 1.78
CA VAL A 278 7.91 -0.25 1.26
C VAL A 278 8.11 -0.06 -0.24
N GLU A 279 9.36 -0.03 -0.68
CA GLU A 279 9.70 -0.06 -2.11
C GLU A 279 9.95 -1.51 -2.50
N PHE A 280 9.20 -1.96 -3.49
CA PHE A 280 9.37 -3.31 -4.03
C PHE A 280 10.42 -3.32 -5.14
N ILE A 281 10.81 -4.52 -5.59
CA ILE A 281 11.91 -4.67 -6.54
C ILE A 281 11.65 -4.04 -7.92
N ASP A 282 10.40 -3.77 -8.26
CA ASP A 282 10.06 -3.06 -9.49
C ASP A 282 10.13 -1.53 -9.35
N LYS A 283 10.37 -1.07 -8.10
CA LYS A 283 10.42 0.34 -7.67
C LYS A 283 9.07 0.95 -7.36
N SER A 284 7.98 0.19 -7.45
CA SER A 284 6.69 0.68 -6.96
C SER A 284 6.77 0.75 -5.42
N VAL A 285 6.18 1.81 -4.86
CA VAL A 285 6.19 2.04 -3.42
C VAL A 285 4.76 1.96 -2.87
N ILE A 286 4.57 1.19 -1.80
CA ILE A 286 3.29 1.09 -1.09
C ILE A 286 3.49 1.68 0.32
N SER A 287 2.52 2.47 0.79
N SER A 287 2.50 2.43 0.79
CA SER A 287 2.60 3.04 2.15
CA SER A 287 2.56 3.07 2.12
C SER A 287 1.29 2.85 2.90
C SER A 287 1.28 2.84 2.90
N GLN A 288 1.38 2.91 4.22
CA GLN A 288 0.21 2.81 5.09
C GLN A 288 0.06 4.14 5.84
N MET A 289 -1.19 4.59 5.95
CA MET A 289 -1.52 5.91 6.51
C MET A 289 -2.69 5.81 7.46
N TYR A 290 -2.62 6.57 8.55
CA TYR A 290 -3.76 6.79 9.44
C TYR A 290 -3.37 7.91 10.41
N TYR A 291 -4.34 8.49 11.12
CA TYR A 291 -3.99 9.36 12.25
C TYR A 291 -3.08 8.61 13.23
N PRO A 292 -2.21 9.32 13.96
CA PRO A 292 -1.42 8.66 15.01
C PRO A 292 -2.34 8.05 16.08
N ASP A 293 -2.38 6.73 16.18
CA ASP A 293 -3.33 6.01 17.02
C ASP A 293 -2.90 4.57 17.03
N MET A 294 -2.52 4.05 18.20
CA MET A 294 -2.03 2.66 18.29
C MET A 294 -3.11 1.60 18.06
N GLN A 295 -4.38 1.99 18.03
CA GLN A 295 -5.44 1.00 17.87
C GLN A 295 -5.35 0.26 16.51
N ILE A 296 -4.91 0.94 15.45
CA ILE A 296 -4.80 0.29 14.13
C ILE A 296 -3.69 -0.76 14.10
N PRO A 297 -2.46 -0.42 14.52
CA PRO A 297 -1.43 -1.48 14.56
C PRO A 297 -1.78 -2.64 15.49
N ILE A 298 -2.37 -2.35 16.65
CA ILE A 298 -2.75 -3.42 17.58
C ILE A 298 -3.82 -4.30 16.92
N LEU A 299 -4.85 -3.67 16.35
CA LEU A 299 -5.94 -4.43 15.75
C LEU A 299 -5.46 -5.31 14.61
N TYR A 300 -4.60 -4.77 13.74
CA TYR A 300 -4.10 -5.58 12.63
C TYR A 300 -3.32 -6.79 13.11
N SER A 301 -2.57 -6.64 14.19
CA SER A 301 -1.84 -7.78 14.74
C SER A 301 -2.78 -8.90 15.19
N LEU A 302 -3.99 -8.53 15.64
CA LEU A 302 -5.00 -9.51 16.06
C LEU A 302 -5.92 -10.03 14.95
N THR A 303 -6.08 -9.28 13.85
CA THR A 303 -6.93 -9.73 12.73
C THR A 303 -6.18 -10.36 11.57
N TRP A 304 -4.90 -10.01 11.42
CA TRP A 304 -4.05 -10.54 10.35
C TRP A 304 -4.26 -12.05 10.20
N PRO A 305 -4.45 -12.56 8.95
CA PRO A 305 -4.38 -11.89 7.65
C PRO A 305 -5.66 -11.19 7.14
N ASP A 306 -6.67 -11.06 7.99
N ASP A 306 -6.69 -11.08 7.98
CA ASP A 306 -7.94 -10.40 7.64
CA ASP A 306 -7.93 -10.39 7.63
C ASP A 306 -7.98 -8.99 8.24
C ASP A 306 -7.97 -8.98 8.23
N ARG A 307 -9.00 -8.21 7.88
CA ARG A 307 -9.32 -6.93 8.53
C ARG A 307 -10.78 -7.00 8.95
N ILE A 308 -11.15 -6.23 9.98
CA ILE A 308 -12.54 -6.19 10.46
C ILE A 308 -13.02 -4.75 10.55
N LYS A 309 -14.33 -4.58 10.60
CA LYS A 309 -14.90 -3.25 10.70
C LYS A 309 -14.58 -2.58 12.04
N THR A 310 -14.25 -1.29 11.97
CA THR A 310 -14.18 -0.43 13.16
C THR A 310 -15.08 0.78 12.96
N ASN A 311 -15.26 1.53 14.05
CA ASN A 311 -15.90 2.82 13.99
C ASN A 311 -14.90 3.97 14.24
N LEU A 312 -13.63 3.77 13.88
CA LEU A 312 -12.64 4.81 14.05
C LEU A 312 -12.89 5.97 13.07
N LYS A 313 -12.42 7.16 13.44
CA LYS A 313 -12.58 8.34 12.59
C LYS A 313 -11.89 8.09 11.25
N PRO A 314 -12.58 8.32 10.12
CA PRO A 314 -11.88 8.17 8.83
C PRO A 314 -10.86 9.28 8.55
N LEU A 315 -9.73 8.90 7.94
CA LEU A 315 -8.71 9.83 7.51
C LEU A 315 -9.28 10.84 6.51
N ASP A 316 -9.18 12.12 6.83
CA ASP A 316 -9.63 13.21 5.94
C ASP A 316 -8.39 13.85 5.31
N LEU A 317 -7.96 13.33 4.16
CA LEU A 317 -6.75 13.81 3.49
C LEU A 317 -6.82 15.26 3.07
N ALA A 318 -7.99 15.72 2.60
CA ALA A 318 -8.15 17.12 2.25
C ALA A 318 -7.91 18.01 3.47
N GLN A 319 -8.41 17.61 4.63
CA GLN A 319 -8.17 18.36 5.86
C GLN A 319 -6.70 18.30 6.29
N VAL A 320 -6.08 17.13 6.17
CA VAL A 320 -4.64 16.99 6.44
C VAL A 320 -3.85 17.95 5.56
N SER A 321 -4.18 17.97 4.28
CA SER A 321 -3.73 18.99 3.32
C SER A 321 -2.29 18.84 2.82
N THR A 322 -1.32 18.69 3.73
CA THR A 322 0.10 18.65 3.40
C THR A 322 0.82 17.54 4.17
N LEU A 323 1.64 16.78 3.45
CA LEU A 323 2.53 15.79 4.04
C LEU A 323 3.95 16.15 3.61
N THR A 324 4.89 16.17 4.56
CA THR A 324 6.27 16.61 4.31
C THR A 324 7.30 15.54 4.67
N PHE A 325 8.44 15.60 3.99
CA PHE A 325 9.53 14.61 4.15
C PHE A 325 10.87 15.30 4.02
N HIS A 326 11.78 15.04 4.96
CA HIS A 326 13.17 15.49 4.81
C HIS A 326 14.13 14.51 5.45
N LYS A 327 15.39 14.60 5.03
CA LYS A 327 16.44 13.74 5.59
C LYS A 327 16.88 14.25 6.96
N PRO A 328 17.08 13.35 7.94
CA PRO A 328 17.59 13.81 9.23
C PRO A 328 19.09 14.13 9.16
N SER A 329 19.53 15.08 9.97
CA SER A 329 20.95 15.41 10.05
C SER A 329 21.64 14.49 11.04
N LEU A 330 22.60 13.70 10.55
CA LEU A 330 23.35 12.78 11.42
C LEU A 330 24.28 13.49 12.40
N GLU A 331 24.69 14.72 12.10
CA GLU A 331 25.53 15.52 13.01
C GLU A 331 24.70 15.94 14.24
N HIS A 332 23.44 16.31 14.01
CA HIS A 332 22.54 16.73 15.07
C HIS A 332 21.93 15.55 15.84
N PHE A 333 21.80 14.40 15.16
CA PHE A 333 21.21 13.19 15.75
C PHE A 333 22.16 12.02 15.60
N PRO A 334 23.34 12.11 16.26
CA PRO A 334 24.36 11.06 16.13
C PRO A 334 23.93 9.67 16.61
N CYS A 335 22.91 9.57 17.45
CA CYS A 335 22.38 8.25 17.81
C CYS A 335 21.97 7.41 16.59
N ILE A 336 21.48 8.05 15.53
CA ILE A 336 21.09 7.31 14.32
C ILE A 336 22.30 6.60 13.73
N LYS A 337 23.41 7.32 13.58
CA LYS A 337 24.63 6.75 13.04
C LYS A 337 25.17 5.59 13.89
N LEU A 338 25.13 5.76 15.22
CA LEU A 338 25.54 4.69 16.14
C LEU A 338 24.70 3.43 15.97
N ALA A 339 23.40 3.59 15.77
CA ALA A 339 22.51 2.42 15.57
C ALA A 339 22.84 1.68 14.27
N TYR A 340 23.03 2.41 13.18
CA TYR A 340 23.44 1.77 11.92
C TYR A 340 24.79 1.04 12.07
N GLN A 341 25.75 1.68 12.72
CA GLN A 341 27.07 1.09 12.92
C GLN A 341 27.00 -0.21 13.71
N ALA A 342 26.22 -0.21 14.78
CA ALA A 342 26.01 -1.40 15.60
C ALA A 342 25.30 -2.49 14.83
N GLY A 343 24.26 -2.12 14.10
CA GLY A 343 23.51 -3.10 13.28
C GLY A 343 24.39 -3.75 12.23
N ILE A 344 25.17 -2.94 11.53
CA ILE A 344 26.03 -3.43 10.46
C ILE A 344 27.13 -4.33 11.01
N LYS A 345 27.69 -3.97 12.17
CA LYS A 345 28.67 -4.85 12.84
C LYS A 345 28.07 -6.18 13.25
N GLY A 346 26.78 -6.20 13.58
CA GLY A 346 26.10 -7.45 13.91
C GLY A 346 26.59 -8.01 15.24
N ASN A 347 26.67 -9.34 15.32
CA ASN A 347 27.09 -10.00 16.56
C ASN A 347 26.18 -9.48 17.70
N PHE A 348 26.74 -9.14 18.86
CA PHE A 348 25.94 -8.63 19.98
C PHE A 348 26.03 -7.10 20.09
N TYR A 349 26.54 -6.43 19.06
CA TYR A 349 26.57 -4.97 19.10
C TYR A 349 25.19 -4.33 19.31
N PRO A 350 24.12 -4.86 18.67
CA PRO A 350 22.78 -4.33 18.99
C PRO A 350 22.39 -4.47 20.47
N THR A 351 22.75 -5.59 21.09
CA THR A 351 22.54 -5.77 22.54
C THR A 351 23.23 -4.67 23.34
N VAL A 352 24.47 -4.39 22.97
CA VAL A 352 25.29 -3.36 23.63
C VAL A 352 24.70 -1.96 23.42
N LEU A 353 24.28 -1.67 22.19
CA LEU A 353 23.63 -0.40 21.85
C LEU A 353 22.40 -0.17 22.74
N ASN A 354 21.53 -1.17 22.79
CA ASN A 354 20.29 -1.04 23.57
C ASN A 354 20.56 -0.84 25.07
N ALA A 355 21.45 -1.66 25.62
CA ALA A 355 21.79 -1.60 27.04
C ALA A 355 22.44 -0.28 27.44
N SER A 356 23.42 0.18 26.67
CA SER A 356 24.08 1.47 26.97
C SER A 356 23.11 2.63 26.81
N ASN A 357 22.23 2.57 25.82
CA ASN A 357 21.19 3.59 25.67
C ASN A 357 20.22 3.60 26.86
N GLU A 358 19.87 2.43 27.38
CA GLU A 358 19.01 2.36 28.57
C GLU A 358 19.58 3.20 29.72
N ILE A 359 20.87 3.04 29.97
CA ILE A 359 21.56 3.83 31.00
C ILE A 359 21.66 5.32 30.63
N ALA A 360 22.11 5.61 29.42
CA ALA A 360 22.31 7.00 28.99
C ALA A 360 20.99 7.79 28.95
N ASN A 361 19.92 7.18 28.45
CA ASN A 361 18.58 7.77 28.42
C ASN A 361 18.14 8.18 29.83
N ASN A 362 18.27 7.25 30.78
CA ASN A 362 17.84 7.52 32.15
C ASN A 362 18.69 8.59 32.85
N LEU A 363 19.99 8.63 32.58
CA LEU A 363 20.88 9.69 33.09
C LEU A 363 20.46 11.06 32.58
N PHE A 364 20.18 11.17 31.28
CA PHE A 364 19.67 12.41 30.72
C PHE A 364 18.30 12.78 31.29
N LEU A 365 17.41 11.80 31.38
CA LEU A 365 16.07 12.02 31.95
C LEU A 365 16.13 12.67 33.34
N ASN A 366 17.10 12.23 34.15
CA ASN A 366 17.29 12.73 35.52
C ASN A 366 18.33 13.86 35.66
N ASN A 367 18.64 14.53 34.54
CA ASN A 367 19.49 15.72 34.53
C ASN A 367 20.94 15.47 35.00
N LYS A 368 21.47 14.27 34.75
CA LYS A 368 22.81 13.90 35.17
C LYS A 368 23.87 14.07 34.07
N ILE A 369 23.44 14.06 32.81
CA ILE A 369 24.30 14.28 31.67
C ILE A 369 23.60 15.18 30.64
N LYS A 370 24.37 15.60 29.65
CA LYS A 370 23.90 16.47 28.58
C LYS A 370 23.52 15.67 27.34
N TYR A 371 22.88 16.35 26.39
CA TYR A 371 22.39 15.71 25.15
C TYR A 371 23.46 14.92 24.39
N PHE A 372 24.59 15.53 24.07
CA PHE A 372 25.66 14.85 23.33
C PHE A 372 26.45 13.84 24.18
N ASP A 373 26.29 13.88 25.51
CA ASP A 373 26.84 12.84 26.38
C ASP A 373 26.12 11.51 26.17
N ILE A 374 24.86 11.53 25.73
CA ILE A 374 24.08 10.31 25.49
C ILE A 374 24.81 9.49 24.43
N SER A 375 25.03 10.12 23.28
CA SER A 375 25.75 9.51 22.17
C SER A 375 27.22 9.22 22.52
N SER A 376 27.88 10.12 23.25
CA SER A 376 29.26 9.86 23.65
C SER A 376 29.41 8.58 24.49
N ILE A 377 28.54 8.41 25.49
CA ILE A 377 28.58 7.22 26.33
C ILE A 377 28.32 5.95 25.51
N ILE A 378 27.27 5.98 24.71
CA ILE A 378 26.91 4.83 23.87
C ILE A 378 28.08 4.46 22.93
N SER A 379 28.64 5.48 22.27
CA SER A 379 29.81 5.27 21.42
C SER A 379 30.99 4.61 22.16
N GLN A 380 31.31 5.13 23.33
CA GLN A 380 32.41 4.57 24.12
C GLN A 380 32.18 3.11 24.54
N VAL A 381 30.95 2.76 24.90
CA VAL A 381 30.65 1.37 25.24
C VAL A 381 30.76 0.48 23.99
N LEU A 382 30.22 0.92 22.86
CA LEU A 382 30.36 0.15 21.60
C LEU A 382 31.83 -0.07 21.23
N GLU A 383 32.64 0.97 21.38
CA GLU A 383 34.09 0.88 21.12
C GLU A 383 34.83 -0.09 22.04
N SER A 384 34.31 -0.27 23.25
CA SER A 384 34.87 -1.18 24.24
C SER A 384 34.47 -2.66 24.03
N PHE A 385 33.39 -2.92 23.31
CA PHE A 385 32.90 -4.29 23.14
C PHE A 385 33.71 -5.02 22.07
N ASN A 386 34.02 -6.28 22.33
CA ASN A 386 34.71 -7.17 21.40
C ASN A 386 33.71 -8.26 20.99
N SER A 387 33.62 -8.55 19.69
CA SER A 387 32.73 -9.61 19.19
C SER A 387 32.94 -10.93 19.93
N GLN A 388 31.86 -11.62 20.27
CA GLN A 388 31.91 -12.89 20.99
C GLN A 388 31.36 -13.98 20.09
N LYS A 389 31.95 -15.18 20.17
CA LYS A 389 31.46 -16.30 19.40
C LYS A 389 30.01 -16.57 19.79
N VAL A 390 29.12 -16.60 18.82
CA VAL A 390 27.69 -16.78 19.08
C VAL A 390 27.44 -18.25 19.39
N SER A 391 26.86 -18.54 20.55
CA SER A 391 26.55 -19.92 20.93
CA SER A 391 26.58 -19.93 20.91
C SER A 391 25.54 -20.55 19.98
N GLU A 392 25.78 -21.81 19.63
CA GLU A 392 24.84 -22.60 18.82
C GLU A 392 23.71 -23.15 19.68
N ASN A 393 23.95 -23.22 20.98
CA ASN A 393 23.01 -23.74 21.97
C ASN A 393 22.10 -22.59 22.40
N SER A 394 20.78 -22.79 22.30
CA SER A 394 19.78 -21.74 22.60
C SER A 394 19.86 -21.20 24.04
N GLU A 395 20.00 -22.10 25.01
CA GLU A 395 20.10 -21.70 26.42
C GLU A 395 21.38 -20.89 26.71
N ASP A 396 22.50 -21.33 26.14
CA ASP A 396 23.77 -20.60 26.27
C ASP A 396 23.68 -19.24 25.58
N LEU A 397 23.01 -19.18 24.44
CA LEU A 397 22.83 -17.91 23.72
C LEU A 397 22.04 -16.89 24.54
N MET A 398 20.93 -17.30 25.17
CA MET A 398 20.19 -16.39 26.05
C MET A 398 21.06 -15.90 27.21
N LYS A 399 21.87 -16.78 27.79
CA LYS A 399 22.78 -16.38 28.86
C LYS A 399 23.84 -15.38 28.37
N GLN A 400 24.32 -15.55 27.14
CA GLN A 400 25.25 -14.56 26.54
C GLN A 400 24.58 -13.21 26.41
N ILE A 401 23.36 -13.19 25.89
CA ILE A 401 22.61 -11.94 25.74
C ILE A 401 22.47 -11.24 27.10
N LEU A 402 22.09 -11.98 28.13
CA LEU A 402 21.95 -11.40 29.48
C LEU A 402 23.27 -10.88 30.04
N GLN A 403 24.33 -11.66 29.87
CA GLN A 403 25.66 -11.27 30.34
C GLN A 403 26.13 -9.98 29.67
N ILE A 404 25.95 -9.92 28.36
CA ILE A 404 26.43 -8.78 27.56
C ILE A 404 25.59 -7.54 27.86
N HIS A 405 24.28 -7.72 28.01
CA HIS A 405 23.38 -6.64 28.43
C HIS A 405 23.84 -6.03 29.76
N SER A 406 24.09 -6.88 30.74
N SER A 406 24.10 -6.88 30.75
CA SER A 406 24.55 -6.44 32.06
CA SER A 406 24.56 -6.43 32.06
C SER A 406 25.92 -5.78 32.01
C SER A 406 25.93 -5.77 31.99
N TRP A 407 26.84 -6.38 31.26
CA TRP A 407 28.18 -5.81 31.03
C TRP A 407 28.09 -4.37 30.46
N ALA A 408 27.27 -4.21 29.44
CA ALA A 408 27.13 -2.93 28.74
C ALA A 408 26.51 -1.86 29.64
N LYS A 409 25.49 -2.21 30.42
CA LYS A 409 24.93 -1.29 31.40
C LYS A 409 26.00 -0.87 32.43
N ASP A 410 26.75 -1.83 32.94
CA ASP A 410 27.82 -1.53 33.90
C ASP A 410 28.89 -0.64 33.28
N LYS A 411 29.28 -0.91 32.04
CA LYS A 411 30.30 -0.10 31.36
C LYS A 411 29.82 1.33 31.17
N ALA A 412 28.57 1.51 30.74
CA ALA A 412 28.00 2.84 30.57
C ALA A 412 28.01 3.60 31.90
N THR A 413 27.60 2.93 32.97
CA THR A 413 27.61 3.51 34.31
C THR A 413 29.03 3.88 34.76
N ASP A 414 30.01 3.02 34.48
CA ASP A 414 31.42 3.29 34.83
C ASP A 414 31.97 4.51 34.08
N ILE A 415 31.61 4.67 32.80
CA ILE A 415 32.01 5.84 32.03
C ILE A 415 31.42 7.11 32.64
N TYR A 416 30.14 7.06 32.99
CA TYR A 416 29.48 8.18 33.68
C TYR A 416 30.16 8.53 35.01
N ASN A 417 30.45 7.50 35.81
CA ASN A 417 31.07 7.69 37.14
C ASN A 417 32.46 8.31 37.07
N LYS A 418 33.26 7.92 36.08
CA LYS A 418 34.58 8.52 35.86
C LYS A 418 34.50 10.00 35.48
N HIS A 419 33.53 10.34 34.62
CA HIS A 419 33.33 11.73 34.19
C HIS A 419 32.74 12.62 35.28
N ASN A 420 31.89 12.06 36.14
CA ASN A 420 31.21 12.84 37.18
C ASN A 420 32.17 13.20 38.33
N PRO B 11 8.23 -18.20 -18.32
CA PRO B 11 8.11 -17.22 -19.42
C PRO B 11 6.70 -16.65 -19.59
N ILE B 12 6.57 -15.33 -19.60
CA ILE B 12 5.28 -14.67 -19.75
C ILE B 12 5.06 -14.32 -21.22
N ASN B 13 4.07 -14.95 -21.84
CA ASN B 13 3.81 -14.81 -23.27
C ASN B 13 2.77 -13.70 -23.50
N VAL B 14 3.21 -12.63 -24.17
N VAL B 14 3.19 -12.61 -24.13
CA VAL B 14 2.46 -11.38 -24.28
CA VAL B 14 2.37 -11.39 -24.23
C VAL B 14 2.12 -11.01 -25.72
C VAL B 14 2.16 -10.87 -25.66
N ALA B 15 0.91 -10.50 -25.94
CA ALA B 15 0.53 -9.83 -27.20
C ALA B 15 0.27 -8.37 -26.88
N ILE B 16 0.67 -7.48 -27.81
N ILE B 16 0.68 -7.48 -27.79
CA ILE B 16 0.47 -6.04 -27.66
CA ILE B 16 0.41 -6.05 -27.64
C ILE B 16 -0.40 -5.56 -28.82
C ILE B 16 -0.42 -5.58 -28.82
N PHE B 17 -1.63 -5.12 -28.50
CA PHE B 17 -2.56 -4.56 -29.49
C PHE B 17 -2.46 -3.03 -29.46
N GLY B 18 -2.14 -2.45 -30.62
CA GLY B 18 -1.82 -1.03 -30.72
C GLY B 18 -0.40 -0.79 -30.27
N SER B 19 0.53 -1.57 -30.80
CA SER B 19 1.89 -1.58 -30.26
C SER B 19 2.71 -0.32 -30.52
N THR B 20 2.28 0.54 -31.44
CA THR B 20 3.03 1.78 -31.72
C THR B 20 2.45 3.02 -31.02
N GLY B 21 1.32 2.89 -30.34
CA GLY B 21 0.81 3.98 -29.51
C GLY B 21 1.55 4.13 -28.20
N SER B 22 1.06 5.02 -27.35
CA SER B 22 1.72 5.35 -26.09
C SER B 22 1.82 4.15 -25.14
N ILE B 23 0.71 3.45 -24.93
CA ILE B 23 0.72 2.27 -24.04
C ILE B 23 1.60 1.17 -24.62
N GLY B 24 1.47 0.91 -25.92
CA GLY B 24 2.26 -0.13 -26.58
C GLY B 24 3.76 0.13 -26.51
N THR B 25 4.18 1.36 -26.76
N THR B 25 4.16 1.37 -26.77
CA THR B 25 5.62 1.66 -26.75
CA THR B 25 5.56 1.77 -26.73
C THR B 25 6.20 1.64 -25.33
C THR B 25 6.15 1.60 -25.34
N ASN B 26 5.44 2.11 -24.35
CA ASN B 26 5.85 1.97 -22.93
C ASN B 26 5.90 0.52 -22.47
N ALA B 27 4.97 -0.30 -22.96
CA ALA B 27 4.99 -1.72 -22.63
C ALA B 27 6.24 -2.38 -23.18
N LEU B 28 6.58 -2.11 -24.44
CA LEU B 28 7.79 -2.66 -25.03
C LEU B 28 9.07 -2.12 -24.36
N ASN B 29 9.05 -0.86 -23.94
CA ASN B 29 10.20 -0.28 -23.22
C ASN B 29 10.48 -1.02 -21.91
N ILE B 30 9.44 -1.25 -21.11
CA ILE B 30 9.66 -1.90 -19.82
C ILE B 30 9.94 -3.39 -19.99
N ILE B 31 9.32 -4.03 -20.99
CA ILE B 31 9.65 -5.41 -21.34
C ILE B 31 11.14 -5.54 -21.70
N ARG B 32 11.62 -4.63 -22.55
CA ARG B 32 13.02 -4.62 -23.00
C ARG B 32 13.97 -4.52 -21.80
N GLU B 33 13.67 -3.57 -20.91
CA GLU B 33 14.57 -3.30 -19.79
C GLU B 33 14.54 -4.41 -18.75
N CYS B 34 13.36 -4.95 -18.47
CA CYS B 34 13.24 -6.10 -17.59
C CYS B 34 13.92 -7.35 -18.15
N ASN B 35 13.79 -7.59 -19.46
CA ASN B 35 14.44 -8.76 -20.09
C ASN B 35 15.97 -8.70 -20.05
N LYS B 36 16.54 -7.50 -20.00
CA LYS B 36 18.00 -7.35 -19.82
C LYS B 36 18.46 -7.88 -18.48
N ILE B 37 17.61 -7.78 -17.47
CA ILE B 37 17.95 -8.23 -16.12
C ILE B 37 17.77 -9.75 -16.01
N GLU B 38 16.63 -10.23 -16.48
CA GLU B 38 16.33 -11.65 -16.52
C GLU B 38 15.32 -11.88 -17.65
N ASN B 39 15.51 -12.94 -18.43
CA ASN B 39 14.59 -13.23 -19.53
C ASN B 39 13.24 -13.72 -18.98
N VAL B 40 12.28 -12.80 -18.87
N VAL B 40 12.30 -12.78 -18.89
CA VAL B 40 10.96 -13.09 -18.30
CA VAL B 40 10.98 -13.00 -18.30
C VAL B 40 9.80 -13.00 -19.29
C VAL B 40 9.87 -13.06 -19.35
N PHE B 41 9.93 -12.20 -20.35
CA PHE B 41 8.85 -11.99 -21.32
C PHE B 41 9.19 -12.47 -22.72
N ASN B 42 8.22 -13.13 -23.36
CA ASN B 42 8.28 -13.41 -24.79
CA ASN B 42 8.26 -13.42 -24.79
C ASN B 42 7.18 -12.58 -25.44
N VAL B 43 7.57 -11.64 -26.30
CA VAL B 43 6.61 -10.88 -27.08
C VAL B 43 6.17 -11.74 -28.25
N LYS B 44 4.95 -12.29 -28.16
CA LYS B 44 4.45 -13.28 -29.11
C LYS B 44 3.70 -12.67 -30.28
N ALA B 45 3.17 -11.47 -30.12
CA ALA B 45 2.34 -10.86 -31.16
C ALA B 45 2.32 -9.35 -31.07
N LEU B 46 2.36 -8.67 -32.22
CA LEU B 46 2.20 -7.21 -32.31
C LEU B 46 1.14 -6.89 -33.37
N TYR B 47 0.26 -5.93 -33.05
CA TYR B 47 -0.89 -5.55 -33.87
C TYR B 47 -0.95 -4.03 -33.94
N VAL B 48 -0.95 -3.50 -35.16
CA VAL B 48 -1.07 -2.05 -35.41
C VAL B 48 -2.13 -1.83 -36.49
N ASN B 49 -2.60 -0.60 -36.61
N ASN B 49 -2.60 -0.59 -36.62
CA ASN B 49 -3.56 -0.25 -37.67
CA ASN B 49 -3.57 -0.23 -37.66
C ASN B 49 -2.88 -0.15 -39.03
C ASN B 49 -2.89 -0.13 -39.03
N LYS B 50 -1.96 0.80 -39.17
CA LYS B 50 -1.30 1.06 -40.46
C LYS B 50 0.18 1.51 -40.41
N SER B 51 0.77 1.57 -39.22
CA SER B 51 2.14 2.07 -39.05
CA SER B 51 2.14 2.07 -39.08
C SER B 51 3.13 0.95 -39.39
N VAL B 52 3.23 0.64 -40.68
CA VAL B 52 3.98 -0.49 -41.18
C VAL B 52 5.48 -0.43 -40.90
N ASN B 53 6.09 0.74 -41.09
CA ASN B 53 7.53 0.91 -40.86
C ASN B 53 7.86 0.80 -39.38
N GLU B 54 7.04 1.41 -38.52
CA GLU B 54 7.22 1.29 -37.08
C GLU B 54 7.03 -0.15 -36.59
N LEU B 55 6.05 -0.87 -37.15
CA LEU B 55 5.86 -2.28 -36.81
C LEU B 55 7.06 -3.12 -37.25
N TYR B 56 7.58 -2.84 -38.45
CA TYR B 56 8.78 -3.53 -38.94
C TYR B 56 9.95 -3.38 -37.96
N GLU B 57 10.19 -2.14 -37.51
CA GLU B 57 11.28 -1.88 -36.55
C GLU B 57 11.10 -2.64 -35.23
N GLN B 58 9.86 -2.71 -34.74
CA GLN B 58 9.58 -3.49 -33.53
C GLN B 58 9.77 -4.98 -33.78
N ALA B 59 9.34 -5.46 -34.95
CA ALA B 59 9.52 -6.87 -35.31
C ALA B 59 10.99 -7.27 -35.37
N ARG B 60 11.84 -6.40 -35.91
CA ARG B 60 13.29 -6.68 -36.00
C ARG B 60 13.91 -6.88 -34.62
N GLU B 61 13.46 -6.12 -33.62
CA GLU B 61 13.95 -6.27 -32.25
C GLU B 61 13.34 -7.44 -31.48
N PHE B 62 12.01 -7.52 -31.47
CA PHE B 62 11.28 -8.44 -30.59
C PHE B 62 10.96 -9.80 -31.20
N LEU B 63 11.03 -9.91 -32.53
CA LEU B 63 10.84 -11.16 -33.27
C LEU B 63 9.59 -11.95 -32.87
N PRO B 64 8.41 -11.29 -32.88
CA PRO B 64 7.20 -11.97 -32.46
C PRO B 64 6.76 -13.04 -33.44
N GLU B 65 6.18 -14.13 -32.93
CA GLU B 65 5.61 -15.19 -33.75
C GLU B 65 4.52 -14.66 -34.70
N TYR B 66 3.70 -13.70 -34.23
CA TYR B 66 2.62 -13.11 -35.02
C TYR B 66 2.84 -11.63 -35.26
N LEU B 67 2.56 -11.18 -36.49
CA LEU B 67 2.42 -9.77 -36.81
C LEU B 67 1.05 -9.57 -37.42
N CYS B 68 0.36 -8.50 -37.05
CA CYS B 68 -0.95 -8.20 -37.63
C CYS B 68 -1.05 -6.74 -37.95
N ILE B 69 -1.55 -6.44 -39.15
CA ILE B 69 -1.76 -5.06 -39.57
C ILE B 69 -3.22 -4.93 -39.98
N HIS B 70 -3.92 -3.94 -39.45
CA HIS B 70 -5.35 -3.82 -39.70
C HIS B 70 -5.64 -3.41 -41.14
N ASP B 71 -4.87 -2.44 -41.63
CA ASP B 71 -5.04 -1.89 -42.98
C ASP B 71 -4.42 -2.84 -44.01
N LYS B 72 -5.29 -3.48 -44.80
CA LYS B 72 -4.87 -4.44 -45.84
C LYS B 72 -4.01 -3.81 -46.96
N SER B 73 -4.12 -2.50 -47.16
CA SER B 73 -3.32 -1.80 -48.18
C SER B 73 -1.80 -1.74 -47.87
N VAL B 74 -1.39 -2.00 -46.63
CA VAL B 74 0.04 -2.08 -46.28
C VAL B 74 0.53 -3.50 -45.94
N TYR B 75 -0.29 -4.51 -46.19
CA TYR B 75 0.05 -5.91 -45.90
C TYR B 75 1.24 -6.41 -46.73
N GLU B 76 1.19 -6.19 -48.04
CA GLU B 76 2.26 -6.65 -48.92
C GLU B 76 3.57 -5.93 -48.64
N GLU B 77 3.49 -4.64 -48.32
CA GLU B 77 4.67 -3.86 -47.92
C GLU B 77 5.33 -4.44 -46.66
N LEU B 78 4.50 -4.82 -45.69
CA LEU B 78 4.99 -5.45 -44.46
C LEU B 78 5.70 -6.78 -44.74
N LYS B 79 5.08 -7.61 -45.59
CA LYS B 79 5.68 -8.89 -45.99
C LYS B 79 7.08 -8.70 -46.58
N GLU B 80 7.22 -7.73 -47.49
CA GLU B 80 8.51 -7.48 -48.14
C GLU B 80 9.55 -6.91 -47.18
N LEU B 81 9.14 -6.03 -46.26
CA LEU B 81 10.06 -5.49 -45.25
C LEU B 81 10.62 -6.59 -44.34
N VAL B 82 9.75 -7.49 -43.89
CA VAL B 82 10.12 -8.55 -42.95
C VAL B 82 11.13 -9.56 -43.53
N LYS B 83 11.18 -9.70 -44.86
CA LYS B 83 12.23 -10.52 -45.52
C LYS B 83 13.67 -10.11 -45.19
N ASN B 84 13.86 -8.83 -44.85
CA ASN B 84 15.17 -8.31 -44.40
C ASN B 84 15.66 -8.84 -43.05
N ILE B 85 14.76 -9.37 -42.23
CA ILE B 85 15.11 -9.83 -40.89
C ILE B 85 15.67 -11.24 -40.97
N LYS B 86 16.84 -11.46 -40.34
CA LYS B 86 17.55 -12.73 -40.40
C LYS B 86 16.89 -13.77 -39.50
N ASP B 87 16.81 -15.01 -39.99
CA ASP B 87 16.34 -16.17 -39.21
C ASP B 87 14.97 -15.94 -38.58
N TYR B 88 14.01 -15.52 -39.40
CA TYR B 88 12.70 -15.06 -38.91
C TYR B 88 11.58 -15.30 -39.91
N LYS B 89 10.63 -16.17 -39.54
CA LYS B 89 9.47 -16.48 -40.38
C LYS B 89 8.17 -16.33 -39.59
N PRO B 90 7.70 -15.08 -39.44
CA PRO B 90 6.48 -14.86 -38.66
C PRO B 90 5.22 -15.20 -39.42
N ILE B 91 4.14 -15.38 -38.66
CA ILE B 91 2.81 -15.52 -39.21
C ILE B 91 2.28 -14.09 -39.37
N ILE B 92 2.06 -13.67 -40.60
CA ILE B 92 1.66 -12.30 -40.90
C ILE B 92 0.18 -12.29 -41.27
N LEU B 93 -0.60 -11.57 -40.46
CA LEU B 93 -2.06 -11.57 -40.54
C LEU B 93 -2.61 -10.18 -40.77
N CYS B 94 -3.90 -10.09 -41.08
N CYS B 94 -3.91 -10.10 -41.08
CA CYS B 94 -4.54 -8.82 -41.41
CA CYS B 94 -4.58 -8.85 -41.40
C CYS B 94 -5.94 -8.69 -40.80
C CYS B 94 -5.93 -8.71 -40.74
N GLY B 95 -6.29 -7.46 -40.41
CA GLY B 95 -7.65 -7.11 -40.00
C GLY B 95 -8.20 -7.75 -38.75
N ASP B 96 -9.52 -7.66 -38.60
CA ASP B 96 -10.25 -8.31 -37.51
C ASP B 96 -9.96 -9.81 -37.43
N GLU B 97 -9.87 -10.48 -38.58
CA GLU B 97 -9.59 -11.93 -38.59
C GLU B 97 -8.25 -12.26 -37.95
N GLY B 98 -7.23 -11.47 -38.25
CA GLY B 98 -5.91 -11.66 -37.65
C GLY B 98 -5.92 -11.42 -36.15
N MET B 99 -6.63 -10.39 -35.73
CA MET B 99 -6.80 -10.09 -34.30
C MET B 99 -7.45 -11.27 -33.57
N LYS B 100 -8.49 -11.84 -34.17
CA LYS B 100 -9.19 -12.99 -33.57
C LYS B 100 -8.29 -14.22 -33.50
N GLU B 101 -7.48 -14.44 -34.54
CA GLU B 101 -6.53 -15.55 -34.56
C GLU B 101 -5.48 -15.41 -33.45
N ILE B 102 -4.98 -14.20 -33.22
CA ILE B 102 -4.04 -13.97 -32.14
C ILE B 102 -4.70 -14.26 -30.78
N CYS B 103 -5.93 -13.76 -30.57
CA CYS B 103 -6.64 -14.01 -29.30
C CYS B 103 -6.88 -15.48 -29.01
N SER B 104 -7.07 -16.29 -30.04
CA SER B 104 -7.33 -17.71 -29.85
C SER B 104 -6.08 -18.58 -29.76
N SER B 105 -4.89 -18.01 -29.93
CA SER B 105 -3.66 -18.79 -29.84
C SER B 105 -3.37 -19.30 -28.44
N ASN B 106 -3.09 -20.60 -28.33
CA ASN B 106 -2.65 -21.20 -27.05
C ASN B 106 -1.26 -20.76 -26.59
N SER B 107 -0.48 -20.09 -27.46
CA SER B 107 0.84 -19.61 -27.09
C SER B 107 0.82 -18.20 -26.47
N ILE B 108 -0.36 -17.60 -26.30
CA ILE B 108 -0.46 -16.26 -25.72
C ILE B 108 -1.27 -16.30 -24.44
N ASP B 109 -0.71 -15.75 -23.37
CA ASP B 109 -1.37 -15.73 -22.05
C ASP B 109 -1.98 -14.37 -21.70
N LYS B 110 -1.28 -13.29 -22.07
CA LYS B 110 -1.65 -11.93 -21.64
C LYS B 110 -1.70 -11.02 -22.85
N ILE B 111 -2.71 -10.15 -22.89
CA ILE B 111 -2.90 -9.24 -24.03
C ILE B 111 -3.02 -7.81 -23.49
N VAL B 112 -2.13 -6.94 -23.95
CA VAL B 112 -2.16 -5.52 -23.62
C VAL B 112 -3.02 -4.80 -24.65
N ILE B 113 -4.10 -4.16 -24.19
CA ILE B 113 -5.00 -3.43 -25.09
C ILE B 113 -4.59 -1.97 -25.08
N GLY B 114 -3.84 -1.57 -26.10
CA GLY B 114 -3.41 -0.18 -26.29
C GLY B 114 -4.12 0.49 -27.45
N ILE B 115 -5.37 0.10 -27.69
CA ILE B 115 -6.19 0.69 -28.75
C ILE B 115 -7.21 1.59 -28.07
N ASP B 116 -7.23 2.87 -28.49
CA ASP B 116 -8.01 3.92 -27.82
C ASP B 116 -9.48 3.95 -28.18
N SER B 117 -10.23 4.69 -27.36
CA SER B 117 -11.61 5.08 -27.63
C SER B 117 -12.54 3.86 -27.66
N PHE B 118 -13.74 4.05 -28.22
CA PHE B 118 -14.74 2.97 -28.30
C PHE B 118 -14.23 1.74 -29.08
N GLN B 119 -13.39 1.96 -30.10
CA GLN B 119 -12.84 0.88 -30.93
C GLN B 119 -12.10 -0.24 -30.17
N GLY B 120 -11.44 0.08 -29.06
CA GLY B 120 -10.69 -0.92 -28.27
C GLY B 120 -11.54 -2.00 -27.60
N LEU B 121 -12.84 -1.73 -27.44
CA LEU B 121 -13.79 -2.68 -26.90
C LEU B 121 -13.89 -3.99 -27.67
N TYR B 122 -13.76 -3.90 -28.99
CA TYR B 122 -13.87 -5.06 -29.86
C TYR B 122 -12.81 -6.15 -29.58
N SER B 123 -11.54 -5.75 -29.55
N SER B 123 -11.54 -5.75 -29.55
CA SER B 123 -10.45 -6.68 -29.25
CA SER B 123 -10.44 -6.67 -29.25
C SER B 123 -10.48 -7.15 -27.79
C SER B 123 -10.49 -7.15 -27.80
N THR B 124 -10.91 -6.27 -26.89
CA THR B 124 -11.11 -6.63 -25.48
C THR B 124 -12.14 -7.77 -25.34
N MET B 125 -13.25 -7.63 -26.07
CA MET B 125 -14.29 -8.65 -26.08
C MET B 125 -13.73 -10.01 -26.54
N TYR B 126 -13.00 -10.04 -27.65
CA TYR B 126 -12.41 -11.29 -28.15
C TYR B 126 -11.33 -11.88 -27.25
N ALA B 127 -10.54 -11.03 -26.60
CA ALA B 127 -9.57 -11.51 -25.61
C ALA B 127 -10.26 -12.21 -24.42
N ILE B 128 -11.35 -11.62 -23.94
CA ILE B 128 -12.15 -12.21 -22.85
C ILE B 128 -12.79 -13.51 -23.29
N MET B 129 -13.34 -13.54 -24.51
CA MET B 129 -13.96 -14.76 -25.05
C MET B 129 -12.99 -15.94 -25.14
N ASN B 130 -11.69 -15.65 -25.22
CA ASN B 130 -10.64 -16.67 -25.26
C ASN B 130 -9.97 -16.88 -23.89
N ASN B 131 -10.62 -16.40 -22.82
CA ASN B 131 -10.15 -16.63 -21.45
C ASN B 131 -8.73 -16.16 -21.16
N LYS B 132 -8.35 -15.02 -21.74
CA LYS B 132 -7.02 -14.47 -21.52
C LYS B 132 -7.00 -13.49 -20.35
N ILE B 133 -5.79 -13.17 -19.90
CA ILE B 133 -5.57 -12.04 -19.01
C ILE B 133 -5.44 -10.81 -19.91
N VAL B 134 -6.25 -9.80 -19.62
CA VAL B 134 -6.38 -8.63 -20.49
C VAL B 134 -5.94 -7.40 -19.69
N ALA B 135 -4.81 -6.82 -20.08
CA ALA B 135 -4.28 -5.60 -19.44
C ALA B 135 -4.93 -4.41 -20.14
N LEU B 136 -5.91 -3.79 -19.47
CA LEU B 136 -6.79 -2.82 -20.11
C LEU B 136 -6.52 -1.40 -19.62
N ALA B 137 -6.11 -0.55 -20.57
CA ALA B 137 -5.85 0.87 -20.32
C ALA B 137 -7.07 1.75 -20.67
N ASN B 138 -7.93 1.24 -21.55
CA ASN B 138 -9.02 2.01 -22.15
C ASN B 138 -10.20 2.22 -21.20
N LYS B 139 -10.21 3.35 -20.50
CA LYS B 139 -11.27 3.66 -19.53
C LYS B 139 -12.62 3.86 -20.21
N GLU B 140 -12.62 4.41 -21.42
CA GLU B 140 -13.89 4.64 -22.14
C GLU B 140 -14.66 3.34 -22.39
N SER B 141 -13.93 2.25 -22.71
N SER B 141 -13.95 2.25 -22.69
CA SER B 141 -14.52 0.92 -22.88
CA SER B 141 -14.60 0.94 -22.90
C SER B 141 -15.28 0.45 -21.63
C SER B 141 -15.28 0.41 -21.63
N ILE B 142 -14.67 0.66 -20.47
CA ILE B 142 -15.24 0.25 -19.18
C ILE B 142 -16.45 1.13 -18.84
N VAL B 143 -16.35 2.44 -19.08
CA VAL B 143 -17.46 3.35 -18.82
C VAL B 143 -18.65 3.07 -19.75
N SER B 144 -18.38 2.88 -21.04
N SER B 144 -18.38 2.92 -21.05
CA SER B 144 -19.46 2.70 -22.02
CA SER B 144 -19.40 2.66 -22.06
C SER B 144 -20.07 1.29 -22.04
C SER B 144 -20.10 1.31 -21.88
N ALA B 145 -19.32 0.28 -21.61
CA ALA B 145 -19.77 -1.10 -21.71
C ALA B 145 -19.55 -1.90 -20.43
N GLY B 146 -19.51 -1.24 -19.29
CA GLY B 146 -19.26 -1.88 -17.99
C GLY B 146 -20.12 -3.10 -17.69
N PHE B 147 -21.43 -2.95 -17.81
CA PHE B 147 -22.32 -4.06 -17.46
C PHE B 147 -22.17 -5.21 -18.47
N PHE B 148 -21.94 -4.88 -19.74
CA PHE B 148 -21.61 -5.88 -20.76
C PHE B 148 -20.34 -6.68 -20.44
N LEU B 149 -19.27 -5.98 -20.07
CA LEU B 149 -18.03 -6.65 -19.66
C LEU B 149 -18.23 -7.53 -18.42
N LYS B 150 -19.04 -7.07 -17.46
CA LYS B 150 -19.37 -7.90 -16.28
C LYS B 150 -20.06 -9.20 -16.71
N LYS B 151 -21.01 -9.09 -17.63
CA LYS B 151 -21.77 -10.24 -18.14
C LYS B 151 -20.83 -11.21 -18.86
N LEU B 152 -19.95 -10.67 -19.69
CA LEU B 152 -19.05 -11.47 -20.48
C LEU B 152 -18.03 -12.20 -19.58
N LEU B 153 -17.54 -11.51 -18.56
CA LEU B 153 -16.59 -12.13 -17.61
C LEU B 153 -17.24 -13.19 -16.71
N ASN B 154 -18.55 -13.10 -16.54
CA ASN B 154 -19.27 -14.15 -15.84
C ASN B 154 -19.45 -15.41 -16.71
N ILE B 155 -19.47 -15.26 -18.02
CA ILE B 155 -19.51 -16.41 -18.93
C ILE B 155 -18.10 -17.03 -19.04
N HIS B 156 -17.11 -16.19 -19.30
CA HIS B 156 -15.74 -16.67 -19.54
C HIS B 156 -14.96 -16.58 -18.24
N LYS B 157 -15.11 -17.65 -17.45
CA LYS B 157 -14.72 -17.68 -16.04
C LYS B 157 -13.24 -17.47 -15.79
N ASN B 158 -12.39 -17.91 -16.72
CA ASN B 158 -10.95 -17.76 -16.57
C ASN B 158 -10.33 -16.52 -17.18
N ALA B 159 -11.14 -15.69 -17.83
CA ALA B 159 -10.67 -14.38 -18.30
C ALA B 159 -10.57 -13.43 -17.12
N LYS B 160 -9.63 -12.50 -17.19
CA LYS B 160 -9.49 -11.45 -16.18
C LYS B 160 -9.11 -10.14 -16.85
N ILE B 161 -9.73 -9.05 -16.41
CA ILE B 161 -9.27 -7.70 -16.72
C ILE B 161 -8.35 -7.24 -15.59
N ILE B 162 -7.13 -6.83 -15.92
CA ILE B 162 -6.22 -6.23 -14.97
C ILE B 162 -6.07 -4.76 -15.35
N PRO B 163 -6.36 -3.83 -14.42
CA PRO B 163 -6.35 -2.42 -14.78
C PRO B 163 -4.94 -1.82 -15.01
N VAL B 164 -4.82 -1.05 -16.09
CA VAL B 164 -3.60 -0.31 -16.43
C VAL B 164 -3.73 1.20 -16.20
N ASP B 165 -4.94 1.76 -16.26
CA ASP B 165 -5.12 3.18 -15.96
C ASP B 165 -4.45 3.45 -14.60
N SER B 166 -3.62 4.48 -14.52
CA SER B 166 -2.66 4.60 -13.41
C SER B 166 -3.28 4.55 -12.01
N GLU B 167 -4.43 5.19 -11.82
CA GLU B 167 -5.10 5.27 -10.54
C GLU B 167 -5.69 3.91 -10.17
N HIS B 168 -6.17 3.19 -11.18
CA HIS B 168 -6.86 1.92 -10.97
C HIS B 168 -5.84 0.83 -10.76
N SER B 169 -4.70 0.93 -11.44
CA SER B 169 -3.53 0.11 -11.09
C SER B 169 -3.10 0.37 -9.65
N ALA B 170 -3.06 1.64 -9.25
CA ALA B 170 -2.68 1.98 -7.88
C ALA B 170 -3.61 1.30 -6.86
N ILE B 171 -4.91 1.44 -7.07
CA ILE B 171 -5.91 0.81 -6.20
C ILE B 171 -5.67 -0.69 -6.16
N PHE B 172 -5.50 -1.31 -7.33
CA PHE B 172 -5.28 -2.76 -7.43
C PHE B 172 -4.01 -3.19 -6.67
N GLN B 173 -2.94 -2.39 -6.79
CA GLN B 173 -1.67 -2.67 -6.09
C GLN B 173 -1.79 -2.50 -4.57
N CYS B 174 -2.75 -1.70 -4.10
CA CYS B 174 -3.00 -1.53 -2.67
C CYS B 174 -3.75 -2.69 -2.01
N LEU B 175 -4.22 -3.66 -2.80
CA LEU B 175 -5.03 -4.75 -2.28
C LEU B 175 -4.20 -5.97 -2.00
N ASP B 176 -4.66 -6.76 -1.03
CA ASP B 176 -4.04 -8.00 -0.61
C ASP B 176 -4.37 -9.08 -1.64
N ASN B 177 -3.36 -9.61 -2.34
CA ASN B 177 -3.63 -10.64 -3.36
C ASN B 177 -4.17 -11.96 -2.80
N ASN B 178 -3.94 -12.21 -1.51
CA ASN B 178 -4.61 -13.33 -0.84
C ASN B 178 -6.14 -13.20 -0.91
N LYS B 179 -6.65 -11.96 -1.00
CA LYS B 179 -8.08 -11.69 -1.21
C LYS B 179 -8.42 -11.53 -2.70
N VAL B 180 -7.60 -10.78 -3.44
CA VAL B 180 -7.84 -10.55 -4.87
C VAL B 180 -8.00 -11.87 -5.62
N LEU B 181 -7.16 -12.85 -5.29
CA LEU B 181 -7.18 -14.14 -5.99
C LEU B 181 -8.46 -14.96 -5.79
N LYS B 182 -9.29 -14.57 -4.82
CA LYS B 182 -10.60 -15.19 -4.56
C LYS B 182 -11.73 -14.52 -5.33
N THR B 183 -11.41 -13.47 -6.09
CA THR B 183 -12.40 -12.75 -6.87
C THR B 183 -11.70 -12.25 -8.16
N LYS B 184 -12.21 -11.20 -8.79
CA LYS B 184 -11.57 -10.59 -9.97
C LYS B 184 -12.26 -9.28 -10.25
N CYS B 185 -11.59 -8.42 -11.01
CA CYS B 185 -12.19 -7.13 -11.37
C CYS B 185 -13.47 -7.34 -12.17
N LEU B 186 -14.42 -6.42 -11.96
CA LEU B 186 -15.75 -6.45 -12.60
C LEU B 186 -16.66 -7.57 -12.08
N GLN B 187 -16.29 -8.20 -10.97
CA GLN B 187 -17.13 -9.23 -10.36
C GLN B 187 -17.88 -8.63 -9.18
N ASP B 188 -19.17 -8.94 -9.07
CA ASP B 188 -19.97 -8.52 -7.93
C ASP B 188 -19.29 -8.99 -6.63
N ASN B 189 -19.30 -8.12 -5.63
CA ASN B 189 -18.73 -8.38 -4.29
C ASN B 189 -17.23 -8.26 -4.18
N PHE B 190 -16.58 -7.71 -5.20
CA PHE B 190 -15.15 -7.52 -5.20
C PHE B 190 -14.71 -6.68 -3.99
N SER B 191 -15.41 -5.57 -3.74
N SER B 191 -15.41 -5.57 -3.74
CA SER B 191 -15.05 -4.68 -2.64
CA SER B 191 -15.06 -4.70 -2.62
C SER B 191 -15.26 -5.34 -1.27
C SER B 191 -15.23 -5.39 -1.29
N LYS B 192 -16.34 -6.12 -1.13
CA LYS B 192 -16.62 -6.85 0.12
C LYS B 192 -15.54 -7.89 0.41
N ILE B 193 -15.18 -8.68 -0.61
CA ILE B 193 -14.15 -9.71 -0.43
C ILE B 193 -12.79 -9.09 -0.09
N ASN B 194 -12.49 -7.92 -0.64
CA ASN B 194 -11.24 -7.20 -0.39
C ASN B 194 -11.28 -6.24 0.80
N ASN B 195 -12.40 -6.19 1.55
CA ASN B 195 -12.53 -5.33 2.73
C ASN B 195 -12.36 -3.85 2.43
N ILE B 196 -12.77 -3.44 1.22
CA ILE B 196 -12.67 -2.05 0.80
C ILE B 196 -13.85 -1.25 1.37
N ASN B 197 -13.53 -0.14 2.01
CA ASN B 197 -14.54 0.78 2.53
C ASN B 197 -14.75 1.98 1.62
N LYS B 198 -13.66 2.55 1.12
CA LYS B 198 -13.70 3.82 0.40
C LYS B 198 -12.44 4.00 -0.43
N ILE B 199 -12.56 4.76 -1.53
CA ILE B 199 -11.46 5.04 -2.45
C ILE B 199 -11.17 6.53 -2.51
N PHE B 200 -9.90 6.90 -2.35
CA PHE B 200 -9.41 8.24 -2.71
C PHE B 200 -8.84 8.19 -4.12
N LEU B 201 -9.53 8.80 -5.06
CA LEU B 201 -9.13 8.78 -6.45
C LEU B 201 -8.38 10.08 -6.74
N CYS B 202 -7.06 9.98 -6.91
CA CYS B 202 -6.20 11.15 -7.02
C CYS B 202 -6.21 11.72 -8.42
N SER B 203 -6.23 13.06 -8.51
CA SER B 203 -6.21 13.81 -9.77
C SER B 203 -5.08 14.83 -9.76
N SER B 204 -4.45 15.03 -10.91
CA SER B 204 -3.48 16.13 -11.07
C SER B 204 -4.14 17.50 -10.89
N GLY B 205 -5.43 17.57 -11.18
CA GLY B 205 -6.18 18.82 -11.20
C GLY B 205 -6.18 19.52 -12.55
N GLY B 206 -5.23 19.17 -13.42
CA GLY B 206 -5.16 19.73 -14.77
C GLY B 206 -4.66 21.15 -14.84
N PRO B 207 -4.51 21.67 -16.07
CA PRO B 207 -3.92 23.00 -16.27
C PRO B 207 -4.75 24.19 -15.75
N PHE B 208 -6.05 23.99 -15.53
CA PHE B 208 -6.95 25.08 -15.15
C PHE B 208 -7.35 25.07 -13.69
N GLN B 209 -6.67 24.25 -12.88
CA GLN B 209 -7.06 24.03 -11.49
C GLN B 209 -7.09 25.29 -10.61
N ASN B 210 -6.24 26.26 -10.91
CA ASN B 210 -6.12 27.48 -10.10
C ASN B 210 -6.73 28.72 -10.73
N LEU B 211 -7.42 28.57 -11.86
CA LEU B 211 -8.06 29.70 -12.52
C LEU B 211 -9.31 30.17 -11.78
N THR B 212 -9.57 31.47 -11.85
CA THR B 212 -10.84 32.01 -11.37
C THR B 212 -11.95 31.64 -12.36
N MET B 213 -13.20 31.81 -11.92
CA MET B 213 -14.36 31.62 -12.78
C MET B 213 -14.32 32.50 -14.04
N ASP B 214 -13.96 33.77 -13.88
CA ASP B 214 -13.83 34.68 -15.03
C ASP B 214 -12.72 34.23 -16.00
N GLU B 215 -11.60 33.77 -15.46
CA GLU B 215 -10.52 33.25 -16.29
C GLU B 215 -10.94 31.95 -17.01
N LEU B 216 -11.63 31.06 -16.30
CA LEU B 216 -12.10 29.80 -16.91
C LEU B 216 -12.97 29.95 -18.12
N LYS B 217 -13.85 30.94 -18.09
CA LYS B 217 -14.78 31.21 -19.19
C LYS B 217 -14.08 31.38 -20.53
N ASN B 218 -12.84 31.92 -20.53
CA ASN B 218 -12.08 32.22 -21.74
C ASN B 218 -11.03 31.19 -22.16
N VAL B 219 -10.79 30.14 -21.36
CA VAL B 219 -9.74 29.19 -21.72
C VAL B 219 -9.98 28.56 -23.09
N THR B 220 -8.90 28.28 -23.78
CA THR B 220 -8.94 27.58 -25.06
C THR B 220 -8.16 26.30 -24.98
N SER B 221 -8.32 25.46 -26.00
CA SER B 221 -7.59 24.19 -26.08
C SER B 221 -6.08 24.42 -26.17
N GLU B 222 -5.65 25.48 -26.84
CA GLU B 222 -4.21 25.81 -26.90
C GLU B 222 -3.63 26.01 -25.49
N ASN B 223 -4.40 26.64 -24.60
CA ASN B 223 -4.00 26.82 -23.19
C ASN B 223 -3.81 25.49 -22.47
N ALA B 224 -4.67 24.53 -22.76
CA ALA B 224 -4.57 23.19 -22.17
C ALA B 224 -3.40 22.41 -22.75
N LEU B 225 -3.17 22.52 -24.06
CA LEU B 225 -2.15 21.73 -24.74
C LEU B 225 -0.75 22.35 -24.72
N LYS B 226 -0.64 23.67 -24.52
CA LYS B 226 0.67 24.35 -24.50
C LYS B 226 1.46 24.02 -23.25
N HIS B 227 2.78 23.89 -23.41
CA HIS B 227 3.72 23.68 -22.30
C HIS B 227 3.09 22.86 -21.17
N PRO B 228 2.66 21.62 -21.49
CA PRO B 228 1.93 20.81 -20.51
C PRO B 228 2.87 20.31 -19.43
N LYS B 229 2.35 20.15 -18.22
CA LYS B 229 3.12 19.55 -17.13
C LYS B 229 3.47 18.11 -17.49
N TRP B 230 2.48 17.40 -18.05
CA TRP B 230 2.61 16.01 -18.47
C TRP B 230 2.27 15.89 -19.95
N LYS B 231 3.20 15.34 -20.74
CA LYS B 231 2.93 15.11 -22.17
C LYS B 231 2.04 13.88 -22.31
N MET B 232 0.83 14.11 -22.84
CA MET B 232 -0.15 13.06 -23.10
C MET B 232 -0.88 13.40 -24.39
N GLY B 233 -1.73 12.47 -24.84
CA GLY B 233 -2.55 12.65 -26.03
C GLY B 233 -3.53 13.79 -25.87
N LYS B 234 -4.02 14.31 -27.00
CA LYS B 234 -4.86 15.51 -26.97
C LYS B 234 -6.21 15.29 -26.26
N LYS B 235 -6.86 14.17 -26.55
CA LYS B 235 -8.18 13.89 -25.97
C LYS B 235 -8.12 13.82 -24.45
N ILE B 236 -7.20 13.00 -23.92
CA ILE B 236 -7.05 12.92 -22.46
C ILE B 236 -6.58 14.25 -21.83
N THR B 237 -5.76 15.03 -22.54
CA THR B 237 -5.35 16.33 -22.02
C THR B 237 -6.55 17.28 -21.84
N ILE B 238 -7.47 17.27 -22.80
CA ILE B 238 -8.70 18.07 -22.67
C ILE B 238 -9.56 17.55 -21.51
N ASP B 239 -9.68 16.22 -21.40
CA ASP B 239 -10.42 15.63 -20.27
C ASP B 239 -9.79 15.95 -18.91
N SER B 240 -8.46 16.04 -18.86
CA SER B 240 -7.78 16.49 -17.65
C SER B 240 -8.11 17.95 -17.34
N ALA B 241 -8.18 18.77 -18.39
CA ALA B 241 -8.50 20.18 -18.21
C ALA B 241 -9.90 20.43 -17.65
N THR B 242 -10.87 19.62 -18.08
CA THR B 242 -12.25 19.76 -17.59
C THR B 242 -12.53 18.93 -16.34
N MET B 243 -11.57 18.07 -15.97
CA MET B 243 -11.71 17.01 -14.96
C MET B 243 -12.74 15.94 -15.32
N MET B 244 -13.23 15.93 -16.56
CA MET B 244 -14.00 14.79 -17.02
C MET B 244 -13.17 13.51 -17.04
N ASN B 245 -11.84 13.63 -17.17
CA ASN B 245 -10.99 12.45 -17.07
C ASN B 245 -11.27 11.75 -15.74
N LYS B 246 -11.26 12.51 -14.65
CA LYS B 246 -11.55 11.91 -13.35
C LYS B 246 -13.00 11.46 -13.24
N GLY B 247 -13.93 12.19 -13.85
CA GLY B 247 -15.33 11.77 -13.89
C GLY B 247 -15.49 10.37 -14.50
N LEU B 248 -14.87 10.17 -15.65
CA LEU B 248 -14.84 8.85 -16.29
C LEU B 248 -14.19 7.81 -15.37
N GLU B 249 -13.11 8.21 -14.71
CA GLU B 249 -12.39 7.31 -13.81
C GLU B 249 -13.16 6.94 -12.55
N VAL B 250 -14.09 7.78 -12.11
CA VAL B 250 -15.01 7.44 -11.01
C VAL B 250 -15.89 6.27 -11.44
N ILE B 251 -16.46 6.36 -12.64
CA ILE B 251 -17.30 5.27 -13.16
C ILE B 251 -16.44 4.01 -13.37
N GLU B 252 -15.22 4.18 -13.87
CA GLU B 252 -14.30 3.07 -14.04
C GLU B 252 -14.02 2.36 -12.71
N THR B 253 -13.81 3.13 -11.65
CA THR B 253 -13.63 2.61 -10.30
C THR B 253 -14.84 1.78 -9.83
N HIS B 254 -16.03 2.34 -10.00
CA HIS B 254 -17.26 1.66 -9.62
C HIS B 254 -17.36 0.29 -10.28
N PHE B 255 -17.15 0.25 -11.60
CA PHE B 255 -17.29 -1.02 -12.33
C PHE B 255 -16.17 -2.00 -12.04
N LEU B 256 -14.93 -1.54 -12.01
CA LEU B 256 -13.80 -2.45 -11.78
C LEU B 256 -13.84 -3.10 -10.42
N PHE B 257 -14.20 -2.32 -9.40
CA PHE B 257 -14.02 -2.75 -8.02
C PHE B 257 -15.33 -2.89 -7.24
N ASP B 258 -16.47 -2.66 -7.89
CA ASP B 258 -17.79 -2.75 -7.22
C ASP B 258 -17.85 -1.88 -5.95
N VAL B 259 -17.36 -0.64 -6.06
CA VAL B 259 -17.38 0.34 -4.98
C VAL B 259 -18.53 1.31 -5.25
N ASP B 260 -19.34 1.59 -4.22
CA ASP B 260 -20.48 2.49 -4.36
C ASP B 260 -19.99 3.91 -4.65
N TYR B 261 -20.74 4.65 -5.45
CA TYR B 261 -20.35 6.03 -5.81
C TYR B 261 -20.17 6.93 -4.60
N ASN B 262 -20.98 6.76 -3.56
CA ASN B 262 -20.83 7.52 -2.32
C ASN B 262 -19.51 7.24 -1.59
N ASP B 263 -18.83 6.15 -1.95
CA ASP B 263 -17.56 5.75 -1.34
C ASP B 263 -16.36 6.01 -2.24
N ILE B 264 -16.53 6.86 -3.26
CA ILE B 264 -15.42 7.29 -4.13
C ILE B 264 -15.26 8.80 -3.99
N GLU B 265 -14.08 9.23 -3.56
CA GLU B 265 -13.80 10.66 -3.35
C GLU B 265 -12.69 11.09 -4.31
N VAL B 266 -12.97 12.10 -5.12
CA VAL B 266 -11.95 12.69 -5.98
C VAL B 266 -11.16 13.71 -5.16
N ILE B 267 -9.83 13.60 -5.20
CA ILE B 267 -8.97 14.51 -4.44
C ILE B 267 -7.85 15.01 -5.37
N VAL B 268 -7.58 16.31 -5.34
CA VAL B 268 -6.54 16.89 -6.19
C VAL B 268 -5.19 16.79 -5.48
N HIS B 269 -4.28 16.05 -6.12
CA HIS B 269 -2.94 15.81 -5.66
C HIS B 269 -1.98 16.20 -6.81
N LYS B 270 -1.58 17.47 -6.79
CA LYS B 270 -0.94 18.06 -7.95
C LYS B 270 0.45 17.50 -8.24
N GLU B 271 1.10 16.94 -7.22
CA GLU B 271 2.43 16.37 -7.42
C GLU B 271 2.45 15.06 -8.20
N CYS B 272 1.31 14.36 -8.23
CA CYS B 272 1.16 13.12 -8.99
C CYS B 272 2.18 12.04 -8.59
N ILE B 273 2.46 11.97 -7.29
CA ILE B 273 3.31 10.93 -6.71
C ILE B 273 2.47 9.80 -6.11
N ILE B 274 1.53 10.11 -5.22
CA ILE B 274 0.49 9.17 -4.82
C ILE B 274 -0.50 9.02 -5.97
N HIS B 275 -0.73 7.78 -6.39
CA HIS B 275 -1.59 7.54 -7.57
C HIS B 275 -3.03 7.22 -7.25
N SER B 276 -3.27 6.75 -6.03
CA SER B 276 -4.61 6.69 -5.38
C SER B 276 -4.44 5.90 -4.07
N CYS B 277 -5.51 5.88 -3.25
CA CYS B 277 -5.44 5.28 -1.91
C CYS B 277 -6.72 4.50 -1.67
N VAL B 278 -6.59 3.42 -0.89
CA VAL B 278 -7.71 2.59 -0.49
C VAL B 278 -7.85 2.64 1.02
N GLU B 279 -9.04 3.01 1.48
CA GLU B 279 -9.39 2.89 2.90
C GLU B 279 -10.11 1.56 3.09
N PHE B 280 -9.60 0.74 4.00
CA PHE B 280 -10.21 -0.51 4.34
C PHE B 280 -11.23 -0.36 5.46
N ILE B 281 -12.01 -1.41 5.70
CA ILE B 281 -13.11 -1.35 6.67
C ILE B 281 -12.70 -1.05 8.12
N ASP B 282 -11.43 -1.29 8.47
CA ASP B 282 -10.90 -0.89 9.79
C ASP B 282 -10.46 0.58 9.87
N LYS B 283 -10.49 1.26 8.72
CA LYS B 283 -10.07 2.65 8.49
C LYS B 283 -8.57 2.83 8.23
N SER B 284 -7.80 1.75 8.20
CA SER B 284 -6.42 1.84 7.74
C SER B 284 -6.43 2.17 6.23
N VAL B 285 -5.50 3.03 5.81
CA VAL B 285 -5.42 3.47 4.41
C VAL B 285 -4.08 3.00 3.83
N ILE B 286 -4.14 2.39 2.64
CA ILE B 286 -2.95 1.99 1.89
C ILE B 286 -2.92 2.80 0.59
N SER B 287 -1.72 3.28 0.21
CA SER B 287 -1.56 4.04 -1.03
C SER B 287 -0.40 3.49 -1.86
N GLN B 288 -0.42 3.76 -3.16
CA GLN B 288 0.69 3.43 -4.04
C GLN B 288 1.28 4.71 -4.58
N MET B 289 2.61 4.73 -4.69
CA MET B 289 3.39 5.90 -5.05
C MET B 289 4.49 5.57 -6.02
N TYR B 290 4.70 6.46 -6.99
CA TYR B 290 5.88 6.43 -7.85
C TYR B 290 5.91 7.75 -8.65
N TYR B 291 7.02 8.06 -9.29
CA TYR B 291 7.01 9.13 -10.31
C TYR B 291 5.95 8.87 -11.39
N PRO B 292 5.39 9.94 -11.99
CA PRO B 292 4.47 9.72 -13.12
C PRO B 292 5.16 9.01 -14.29
N ASP B 293 4.77 7.77 -14.53
CA ASP B 293 5.46 6.89 -15.47
C ASP B 293 4.56 5.69 -15.69
N MET B 294 4.05 5.52 -16.90
CA MET B 294 3.15 4.40 -17.18
C MET B 294 3.80 3.03 -17.15
N GLN B 295 5.14 2.97 -17.09
CA GLN B 295 5.80 1.67 -17.06
C GLN B 295 5.43 0.81 -15.84
N ILE B 296 5.22 1.44 -14.68
CA ILE B 296 4.86 0.69 -13.47
C ILE B 296 3.46 0.06 -13.59
N PRO B 297 2.43 0.86 -13.94
CA PRO B 297 1.11 0.23 -14.13
C PRO B 297 1.06 -0.86 -15.20
N ILE B 298 1.75 -0.62 -16.31
CA ILE B 298 1.81 -1.61 -17.37
C ILE B 298 2.53 -2.86 -16.88
N LEU B 299 3.69 -2.70 -16.25
CA LEU B 299 4.43 -3.87 -15.77
C LEU B 299 3.64 -4.70 -14.77
N TYR B 300 3.01 -4.04 -13.81
CA TYR B 300 2.24 -4.77 -12.81
C TYR B 300 1.14 -5.59 -13.46
N SER B 301 0.50 -5.04 -14.50
CA SER B 301 -0.56 -5.80 -15.20
C SER B 301 -0.05 -7.10 -15.82
N LEU B 302 1.22 -7.11 -16.24
CA LEU B 302 1.85 -8.28 -16.84
C LEU B 302 2.52 -9.24 -15.84
N THR B 303 2.87 -8.75 -14.64
CA THR B 303 3.50 -9.61 -13.62
C THR B 303 2.54 -10.07 -12.51
N TRP B 304 1.46 -9.34 -12.27
CA TRP B 304 0.45 -9.70 -11.26
C TRP B 304 0.15 -11.20 -11.32
N PRO B 305 0.14 -11.90 -10.17
CA PRO B 305 0.26 -11.46 -8.78
C PRO B 305 1.68 -11.30 -8.22
N ASP B 306 2.68 -11.40 -9.09
CA ASP B 306 4.08 -11.25 -8.69
CA ASP B 306 4.09 -11.26 -8.69
C ASP B 306 4.59 -9.87 -9.07
N ARG B 307 5.81 -9.55 -8.60
CA ARG B 307 6.56 -8.38 -9.07
C ARG B 307 7.93 -8.86 -9.52
N ILE B 308 8.55 -8.13 -10.45
CA ILE B 308 9.90 -8.45 -10.93
C ILE B 308 10.84 -7.24 -10.83
N LYS B 309 12.13 -7.51 -10.88
CA LYS B 309 13.13 -6.46 -10.78
C LYS B 309 13.10 -5.52 -12.01
N THR B 310 13.22 -4.22 -11.76
CA THR B 310 13.46 -3.23 -12.82
C THR B 310 14.69 -2.40 -12.47
N ASN B 311 15.15 -1.63 -13.44
CA ASN B 311 16.18 -0.61 -13.22
C ASN B 311 15.62 0.81 -13.27
N LEU B 312 14.34 0.97 -12.91
CA LEU B 312 13.73 2.31 -12.89
C LEU B 312 14.33 3.15 -11.76
N LYS B 313 14.29 4.46 -11.95
CA LYS B 313 14.79 5.40 -10.94
C LYS B 313 14.03 5.19 -9.63
N PRO B 314 14.74 5.01 -8.50
CA PRO B 314 14.02 4.93 -7.22
C PRO B 314 13.40 6.26 -6.78
N LEU B 315 12.21 6.19 -6.22
CA LEU B 315 11.55 7.37 -5.65
C LEU B 315 12.40 8.01 -4.54
N ASP B 316 12.68 9.29 -4.66
CA ASP B 316 13.42 10.05 -3.66
C ASP B 316 12.41 10.95 -2.94
N LEU B 317 11.82 10.42 -1.86
CA LEU B 317 10.79 11.14 -1.12
C LEU B 317 11.29 12.44 -0.49
N ALA B 318 12.52 12.44 0.02
CA ALA B 318 13.10 13.68 0.57
C ALA B 318 13.21 14.78 -0.49
N GLN B 319 13.61 14.40 -1.69
CA GLN B 319 13.65 15.35 -2.81
C GLN B 319 12.27 15.84 -3.23
N VAL B 320 11.30 14.93 -3.28
CA VAL B 320 9.91 15.31 -3.55
C VAL B 320 9.43 16.34 -2.52
N SER B 321 9.73 16.05 -1.25
CA SER B 321 9.63 16.99 -0.13
C SER B 321 8.23 17.23 0.40
N THR B 322 7.27 17.49 -0.49
CA THR B 322 5.92 17.90 -0.11
C THR B 322 4.89 17.20 -1.00
N LEU B 323 3.84 16.66 -0.37
CA LEU B 323 2.68 16.10 -1.06
C LEU B 323 1.44 16.86 -0.58
N THR B 324 0.58 17.26 -1.50
CA THR B 324 -0.59 18.08 -1.13
C THR B 324 -1.89 17.50 -1.64
N PHE B 325 -2.97 17.86 -0.95
CA PHE B 325 -4.32 17.34 -1.24
C PHE B 325 -5.35 18.44 -1.02
N HIS B 326 -6.27 18.58 -1.97
CA HIS B 326 -7.45 19.45 -1.76
C HIS B 326 -8.67 18.95 -2.52
N LYS B 327 -9.85 19.40 -2.11
CA LYS B 327 -11.11 19.04 -2.76
C LYS B 327 -11.28 19.88 -4.02
N PRO B 328 -11.70 19.27 -5.15
CA PRO B 328 -11.96 20.06 -6.35
C PRO B 328 -13.27 20.84 -6.26
N SER B 329 -13.31 22.02 -6.89
CA SER B 329 -14.55 22.81 -6.95
C SER B 329 -15.47 22.28 -8.04
N LEU B 330 -16.68 21.89 -7.66
CA LEU B 330 -17.67 21.39 -8.63
C LEU B 330 -18.26 22.52 -9.48
N GLU B 331 -18.19 23.76 -9.00
CA GLU B 331 -18.62 24.92 -9.78
C GLU B 331 -17.65 25.16 -10.95
N HIS B 332 -16.36 24.97 -10.71
CA HIS B 332 -15.34 25.17 -11.73
C HIS B 332 -15.19 23.95 -12.64
N PHE B 333 -15.51 22.78 -12.10
CA PHE B 333 -15.38 21.51 -12.81
C PHE B 333 -16.68 20.71 -12.79
N PRO B 334 -17.73 21.28 -13.43
CA PRO B 334 -19.04 20.64 -13.44
C PRO B 334 -19.09 19.26 -14.10
N CYS B 335 -18.13 18.93 -14.95
CA CYS B 335 -18.05 17.57 -15.52
C CYS B 335 -17.97 16.49 -14.43
N ILE B 336 -17.36 16.80 -13.29
CA ILE B 336 -17.26 15.82 -12.19
C ILE B 336 -18.67 15.46 -11.70
N LYS B 337 -19.48 16.48 -11.45
CA LYS B 337 -20.86 16.28 -10.99
C LYS B 337 -21.69 15.49 -12.01
N LEU B 338 -21.53 15.83 -13.29
CA LEU B 338 -22.25 15.12 -14.35
C LEU B 338 -21.90 13.63 -14.38
N ALA B 339 -20.62 13.31 -14.18
CA ALA B 339 -20.18 11.91 -14.15
C ALA B 339 -20.77 11.15 -12.97
N TYR B 340 -20.73 11.74 -11.78
CA TYR B 340 -21.38 11.08 -10.62
C TYR B 340 -22.87 10.89 -10.84
N GLN B 341 -23.53 11.92 -11.39
CA GLN B 341 -24.97 11.82 -11.66
C GLN B 341 -25.30 10.67 -12.61
N ALA B 342 -24.54 10.58 -13.70
CA ALA B 342 -24.73 9.53 -14.71
C ALA B 342 -24.43 8.15 -14.12
N GLY B 343 -23.35 8.05 -13.35
CA GLY B 343 -22.99 6.80 -12.70
C GLY B 343 -24.09 6.33 -11.75
N ILE B 344 -24.55 7.24 -10.92
CA ILE B 344 -25.59 6.90 -9.90
C ILE B 344 -26.91 6.52 -10.57
N LYS B 345 -27.29 7.22 -11.63
CA LYS B 345 -28.48 6.83 -12.41
C LYS B 345 -28.36 5.43 -13.00
N GLY B 346 -27.15 5.04 -13.39
CA GLY B 346 -26.91 3.73 -13.90
C GLY B 346 -27.54 3.53 -15.27
N ASN B 347 -28.09 2.35 -15.52
CA ASN B 347 -28.64 2.04 -16.84
C ASN B 347 -27.57 2.36 -17.91
N PHE B 348 -27.92 3.03 -19.00
CA PHE B 348 -26.96 3.39 -20.04
C PHE B 348 -26.51 4.84 -19.93
N TYR B 349 -26.78 5.51 -18.80
CA TYR B 349 -26.33 6.89 -18.63
C TYR B 349 -24.79 7.02 -18.78
N PRO B 350 -24.00 6.07 -18.25
CA PRO B 350 -22.55 6.17 -18.52
C PRO B 350 -22.17 6.09 -20.01
N THR B 351 -22.84 5.26 -20.78
CA THR B 351 -22.64 5.21 -22.23
C THR B 351 -22.90 6.58 -22.85
N VAL B 352 -23.98 7.21 -22.43
CA VAL B 352 -24.38 8.53 -22.92
C VAL B 352 -23.35 9.62 -22.53
N LEU B 353 -22.89 9.57 -21.27
CA LEU B 353 -21.89 10.52 -20.77
C LEU B 353 -20.63 10.44 -21.61
N ASN B 354 -20.13 9.23 -21.82
CA ASN B 354 -18.90 9.05 -22.56
C ASN B 354 -19.04 9.53 -24.02
N ALA B 355 -20.15 9.18 -24.67
CA ALA B 355 -20.37 9.51 -26.07
C ALA B 355 -20.52 11.02 -26.28
N SER B 356 -21.35 11.65 -25.45
CA SER B 356 -21.56 13.08 -25.55
C SER B 356 -20.25 13.82 -25.23
N ASN B 357 -19.48 13.33 -24.26
CA ASN B 357 -18.18 13.93 -23.96
C ASN B 357 -17.19 13.81 -25.14
N GLU B 358 -17.20 12.68 -25.84
CA GLU B 358 -16.36 12.51 -27.04
C GLU B 358 -16.56 13.67 -28.01
N ILE B 359 -17.82 14.02 -28.24
CA ILE B 359 -18.18 15.09 -29.16
C ILE B 359 -17.79 16.45 -28.58
N ALA B 360 -18.19 16.73 -27.35
CA ALA B 360 -17.92 18.03 -26.72
C ALA B 360 -16.43 18.30 -26.58
N ASN B 361 -15.67 17.27 -26.19
CA ASN B 361 -14.21 17.36 -26.08
C ASN B 361 -13.62 17.79 -27.43
N ASN B 362 -14.03 17.12 -28.50
CA ASN B 362 -13.48 17.41 -29.82
C ASN B 362 -13.87 18.80 -30.35
N LEU B 363 -15.09 19.22 -30.06
CA LEU B 363 -15.52 20.58 -30.43
C LEU B 363 -14.66 21.64 -29.73
N PHE B 364 -14.38 21.47 -28.44
CA PHE B 364 -13.53 22.40 -27.71
C PHE B 364 -12.08 22.32 -28.24
N LEU B 365 -11.58 21.11 -28.46
CA LEU B 365 -10.24 20.91 -29.06
C LEU B 365 -10.05 21.72 -30.35
N ASN B 366 -11.08 21.72 -31.19
CA ASN B 366 -11.05 22.41 -32.49
C ASN B 366 -11.66 23.82 -32.46
N ASN B 367 -11.75 24.42 -31.27
CA ASN B 367 -12.09 25.84 -31.10
C ASN B 367 -13.51 26.23 -31.53
N LYS B 368 -14.43 25.27 -31.45
CA LYS B 368 -15.82 25.49 -31.90
C LYS B 368 -16.76 25.88 -30.77
N ILE B 369 -16.41 25.51 -29.54
CA ILE B 369 -17.21 25.84 -28.37
C ILE B 369 -16.29 26.30 -27.22
N LYS B 370 -16.89 26.88 -26.20
CA LYS B 370 -16.16 27.34 -25.01
C LYS B 370 -16.16 26.28 -23.89
N TYR B 371 -15.37 26.53 -22.87
CA TYR B 371 -15.19 25.59 -21.75
C TYR B 371 -16.50 25.15 -21.11
N PHE B 372 -17.36 26.10 -20.72
CA PHE B 372 -18.64 25.74 -20.08
C PHE B 372 -19.70 25.18 -21.03
N ASP B 373 -19.51 25.37 -22.34
CA ASP B 373 -20.35 24.70 -23.34
C ASP B 373 -20.15 23.17 -23.31
N ILE B 374 -18.97 22.72 -22.89
CA ILE B 374 -18.68 21.28 -22.84
C ILE B 374 -19.65 20.58 -21.89
N SER B 375 -19.70 21.07 -20.66
CA SER B 375 -20.62 20.52 -19.65
C SER B 375 -22.08 20.82 -20.00
N SER B 376 -22.36 21.97 -20.63
CA SER B 376 -23.72 22.26 -21.07
C SER B 376 -24.25 21.23 -22.08
N ILE B 377 -23.44 20.91 -23.08
CA ILE B 377 -23.83 19.90 -24.09
C ILE B 377 -24.05 18.54 -23.43
N ILE B 378 -23.11 18.13 -22.58
CA ILE B 378 -23.20 16.81 -21.93
C ILE B 378 -24.47 16.73 -21.07
N SER B 379 -24.71 17.78 -20.28
CA SER B 379 -25.90 17.84 -19.43
C SER B 379 -27.18 17.72 -20.23
N GLN B 380 -27.26 18.44 -21.34
CA GLN B 380 -28.46 18.40 -22.17
C GLN B 380 -28.71 17.03 -22.78
N VAL B 381 -27.64 16.36 -23.20
CA VAL B 381 -27.79 15.01 -23.77
C VAL B 381 -28.24 14.02 -22.70
N LEU B 382 -27.67 14.10 -21.50
CA LEU B 382 -28.07 13.27 -20.37
C LEU B 382 -29.55 13.50 -20.02
N GLU B 383 -29.97 14.76 -20.03
CA GLU B 383 -31.38 15.09 -19.74
C GLU B 383 -32.33 14.52 -20.79
N SER B 384 -31.89 14.49 -22.04
CA SER B 384 -32.70 13.97 -23.17
C SER B 384 -32.84 12.45 -23.15
N PHE B 385 -31.84 11.74 -22.64
CA PHE B 385 -31.83 10.28 -22.68
C PHE B 385 -32.99 9.68 -21.91
N ASN B 386 -33.60 8.64 -22.49
CA ASN B 386 -34.61 7.85 -21.80
C ASN B 386 -34.08 6.45 -21.56
N SER B 387 -34.09 6.02 -20.30
CA SER B 387 -33.60 4.68 -19.93
C SER B 387 -34.26 3.57 -20.76
N GLN B 388 -33.50 2.52 -21.03
CA GLN B 388 -33.98 1.37 -21.80
C GLN B 388 -33.85 0.14 -20.94
N LYS B 389 -34.78 -0.79 -21.10
CA LYS B 389 -34.68 -2.11 -20.50
C LYS B 389 -33.38 -2.77 -20.96
N VAL B 390 -32.59 -3.25 -20.00
CA VAL B 390 -31.27 -3.81 -20.29
C VAL B 390 -31.42 -5.23 -20.85
N SER B 391 -30.91 -5.47 -22.06
CA SER B 391 -30.99 -6.80 -22.69
C SER B 391 -30.29 -7.88 -21.85
N GLU B 392 -30.90 -9.06 -21.81
CA GLU B 392 -30.33 -10.22 -21.12
C GLU B 392 -29.27 -10.91 -21.98
N ASN B 393 -29.51 -10.93 -23.30
CA ASN B 393 -28.59 -11.56 -24.25
C ASN B 393 -27.37 -10.66 -24.49
N SER B 394 -26.18 -11.22 -24.40
CA SER B 394 -24.94 -10.43 -24.52
C SER B 394 -24.80 -9.77 -25.90
N GLU B 395 -25.16 -10.48 -26.96
CA GLU B 395 -25.10 -9.91 -28.31
C GLU B 395 -26.11 -8.77 -28.48
N ASP B 396 -27.33 -8.95 -27.97
CA ASP B 396 -28.33 -7.87 -27.96
C ASP B 396 -27.90 -6.67 -27.12
N LEU B 397 -27.26 -6.94 -25.98
CA LEU B 397 -26.76 -5.87 -25.10
C LEU B 397 -25.68 -5.02 -25.80
N MET B 398 -24.75 -5.68 -26.49
CA MET B 398 -23.73 -4.96 -27.27
C MET B 398 -24.37 -4.08 -28.34
N LYS B 399 -25.37 -4.60 -29.05
CA LYS B 399 -26.07 -3.81 -30.08
C LYS B 399 -26.73 -2.56 -29.48
N GLN B 400 -27.27 -2.73 -28.27
CA GLN B 400 -27.91 -1.65 -27.52
C GLN B 400 -26.90 -0.54 -27.17
N ILE B 401 -25.74 -0.96 -26.65
CA ILE B 401 -24.66 -0.01 -26.32
C ILE B 401 -24.22 0.77 -27.56
N LEU B 402 -23.99 0.06 -28.66
CA LEU B 402 -23.65 0.71 -29.93
C LEU B 402 -24.70 1.70 -30.37
N GLN B 403 -25.98 1.32 -30.29
CA GLN B 403 -27.07 2.19 -30.71
C GLN B 403 -27.13 3.45 -29.86
N ILE B 404 -27.00 3.29 -28.56
CA ILE B 404 -27.08 4.42 -27.62
C ILE B 404 -25.85 5.33 -27.77
N HIS B 405 -24.68 4.73 -27.92
CA HIS B 405 -23.45 5.49 -28.19
C HIS B 405 -23.62 6.42 -29.41
N SER B 406 -24.10 5.84 -30.51
N SER B 406 -24.10 5.83 -30.51
CA SER B 406 -24.32 6.59 -31.75
CA SER B 406 -24.32 6.58 -31.75
C SER B 406 -25.39 7.67 -31.57
C SER B 406 -25.39 7.65 -31.58
N TRP B 407 -26.48 7.31 -30.90
CA TRP B 407 -27.56 8.28 -30.60
C TRP B 407 -27.02 9.50 -29.83
N ALA B 408 -26.21 9.24 -28.80
CA ALA B 408 -25.71 10.31 -27.94
C ALA B 408 -24.71 11.23 -28.66
N LYS B 409 -23.86 10.65 -29.50
CA LYS B 409 -22.94 11.46 -30.32
C LYS B 409 -23.74 12.37 -31.25
N ASP B 410 -24.70 11.78 -31.97
CA ASP B 410 -25.56 12.55 -32.88
C ASP B 410 -26.37 13.64 -32.15
N LYS B 411 -26.86 13.33 -30.96
CA LYS B 411 -27.61 14.32 -30.17
C LYS B 411 -26.70 15.50 -29.75
N ALA B 412 -25.49 15.19 -29.30
CA ALA B 412 -24.53 16.24 -28.93
C ALA B 412 -24.24 17.14 -30.13
N THR B 413 -23.99 16.53 -31.27
CA THR B 413 -23.73 17.28 -32.50
C THR B 413 -24.92 18.16 -32.90
N ASP B 414 -26.13 17.63 -32.76
N ASP B 414 -26.14 17.63 -32.77
CA ASP B 414 -27.35 18.38 -33.07
CA ASP B 414 -27.34 18.40 -33.10
C ASP B 414 -27.53 19.60 -32.18
C ASP B 414 -27.56 19.60 -32.17
N ILE B 415 -27.23 19.45 -30.88
CA ILE B 415 -27.29 20.56 -29.93
C ILE B 415 -26.29 21.65 -30.33
N TYR B 416 -25.06 21.25 -30.65
CA TYR B 416 -24.06 22.17 -31.17
C TYR B 416 -24.56 22.92 -32.42
N ASN B 417 -25.10 22.19 -33.38
CA ASN B 417 -25.58 22.79 -34.64
C ASN B 417 -26.72 23.79 -34.44
N LYS B 418 -27.65 23.49 -33.53
CA LYS B 418 -28.74 24.42 -33.18
C LYS B 418 -28.21 25.74 -32.65
N HIS B 419 -27.31 25.67 -31.68
CA HIS B 419 -26.77 26.86 -31.01
C HIS B 419 -25.78 27.64 -31.87
N ASN B 420 -25.13 26.97 -32.82
CA ASN B 420 -24.15 27.60 -33.71
C ASN B 420 -24.83 28.50 -34.75
O12 LC5 C . 7.80 4.80 17.90
C4 LC5 C . 6.75 5.40 18.03
N9 LC5 C . 5.58 4.82 17.70
O10 LC5 C . 5.58 3.52 17.19
C11 LC5 C . 4.29 5.51 17.85
C3 LC5 C . 6.83 6.84 18.48
C2 LC5 C . 7.23 7.71 17.26
C1 LC5 C . 8.10 8.89 17.71
P5 LC5 C . 9.50 9.12 16.55
O6 LC5 C . 9.97 10.55 16.68
O7 LC5 C . 10.63 8.17 16.93
O8 LC5 C . 9.04 8.85 15.15
C13 LC5 C . 5.98 8.17 16.43
C14 LC5 C . 5.05 9.12 17.23
C15 LC5 C . 3.76 9.44 16.41
C16 LC5 C . 2.77 8.27 16.45
C17 LC5 C . 2.01 7.97 17.61
C23 LC5 C . 2.16 8.74 18.79
C25 LC5 C . 1.40 8.43 19.90
C24 LC5 C . 0.53 7.35 19.88
C22 LC5 C . 0.39 6.60 18.72
C19 LC5 C . 1.12 6.89 17.59
C21 LC5 C . 0.99 6.12 16.44
C20 LC5 C . 1.72 6.42 15.31
C18 LC5 C . 2.60 7.50 15.30
MN MN D . 7.60 3.12 16.51
C1 GOL E . 6.33 9.05 11.85
O1 GOL E . 6.40 9.91 10.71
C2 GOL E . 5.47 7.83 11.58
O2 GOL E . 4.13 8.21 11.33
C3 GOL E . 5.54 6.91 12.80
O3 GOL E . 4.58 5.83 12.70
C1 GOL F . 4.69 -5.46 33.65
O1 GOL F . 5.54 -4.32 33.82
C2 GOL F . 5.23 -6.66 34.41
O2 GOL F . 6.60 -6.88 34.12
C3 GOL F . 4.39 -7.88 34.05
O3 GOL F . 4.66 -8.96 34.96
C FMT G . -0.63 -4.54 0.06
O1 FMT G . -0.72 -4.89 -1.12
O2 FMT G . -1.31 -5.16 1.02
O12 LC5 H . -5.44 9.55 -16.32
C4 LC5 H . -4.24 9.80 -16.40
N9 LC5 H . -3.32 8.82 -16.18
O10 LC5 H . -3.78 7.55 -15.85
C11 LC5 H . -1.88 9.06 -16.25
C3 LC5 H . -3.83 11.23 -16.64
C2 LC5 H . -3.98 12.00 -15.30
C1 LC5 H . -4.39 13.46 -15.55
P5 LC5 H . -5.68 13.95 -14.35
O6 LC5 H . -5.68 15.46 -14.27
O7 LC5 H . -5.36 13.37 -12.99
O8 LC5 H . -7.02 13.46 -14.83
C13 LC5 H . -2.67 11.90 -14.43
C14 LC5 H . -1.44 12.55 -15.13
C15 LC5 H . -0.15 12.32 -14.29
C16 LC5 H . 0.40 10.91 -14.50
C17 LC5 H . 1.06 10.54 -15.68
C23 LC5 H . 1.22 11.47 -16.72
C25 LC5 H . 1.84 11.08 -17.91
C24 LC5 H . 2.32 9.79 -18.04
C22 LC5 H . 2.19 8.88 -17.01
C19 LC5 H . 1.55 9.25 -15.84
C21 LC5 H . 1.41 8.31 -14.81
C20 LC5 H . 0.77 8.68 -13.63
C18 LC5 H . 0.29 9.97 -13.46
MN MN I . -5.83 7.75 -15.16
C1 GOL J . -2.83 12.17 -9.74
O1 GOL J . -2.65 12.82 -8.48
C2 GOL J . -2.40 10.70 -9.64
O2 GOL J . -1.01 10.60 -9.36
C3 GOL J . -2.74 10.03 -10.98
O3 GOL J . -2.17 8.71 -11.11
C1 GOL K . -10.73 -16.21 -9.35
O1 GOL K . -9.78 -17.10 -9.95
C2 GOL K . -12.10 -16.54 -9.93
O2 GOL K . -12.08 -16.44 -11.37
C3 GOL K . -13.16 -15.62 -9.35
O3 GOL K . -14.43 -16.00 -9.84
C1 GOL L . -7.23 -1.17 -35.49
O1 GOL L . -8.40 -0.33 -35.45
C2 GOL L . -6.40 -0.92 -34.25
O2 GOL L . -6.11 0.49 -34.11
C3 GOL L . -5.11 -1.72 -34.30
O3 GOL L . -4.03 -0.98 -33.70
C FMT M . -18.37 -0.32 -1.00
O1 FMT M . -18.73 0.72 -1.54
O2 FMT M . -17.06 -0.54 -0.79
C FMT N . -23.06 1.67 -18.98
O1 FMT N . -23.80 2.40 -19.64
O2 FMT N . -23.48 0.45 -18.62
#